data_5GGS
#
_entry.id   5GGS
#
_cell.length_a   54.170
_cell.length_b   54.195
_cell.length_c   104.039
_cell.angle_alpha   105.69
_cell.angle_beta   96.99
_cell.angle_gamma   96.06
#
_symmetry.space_group_name_H-M   'P 1'
#
loop_
_entity.id
_entity.type
_entity.pdbx_description
1 polymer 'heavy chain'
2 polymer 'light chain'
3 polymer 'Programmed cell death protein 1'
4 water water
#
loop_
_entity_poly.entity_id
_entity_poly.type
_entity_poly.pdbx_seq_one_letter_code
_entity_poly.pdbx_strand_id
1 'polypeptide(L)'
;QVQLVQSGVEVKKPGASVKVSCKASGYTFTNYYMYWVRQAPGQGLEWMGGINPSNGGTNFNEKFKNRVTLTTDSSTTTAY
MELKSLQFDDTAVYYCARRDYRFDMGFDYWGQGTTVTVSSASTKGPSVFPLAPSSKSTSGGTAALGCLVKDYFPEPVTVS
WNSGALTSGVHTFPAVLQSSGLYSLSSVVTVPSSSLGTQTYICNVNHKPSNTKVDKKVEPKSCDKTHHHHHH
;
A,C
2 'polypeptide(L)'
;EIVLTQSPATLSLSPGERATLSCRASKGVSTSGYSYLHWYQQKPGQAPRLLIYLASYLESGVPARFSGSGSGTDFTLTIS
SLEPEDFAVYYCQHSRDLPLTFGGGTKVEIKRTVAAPSVFIFPPSDEQLKSGTASVVCLLNNFYPREAKVQWKVDNALQS
GNSQESVTEQDSKDSTYSLSSTLTLSKADYEKHKVYACEVTHQGLSSPVTKSFNRGEC
;
B,D
3 'polypeptide(L)'
;DSPDRPWNPPTFSPALLVVTEGDNATFTCSFSNTSESFVLNWYRMSPSNQTDKLAAFPEDRSQPGQDSRFRVTQLPNGRD
FHMSVVRARRNDSGTYLCGAISLAPKAQIKESLRAELRVTERR
;
Y,Z
#
# COMPACT_ATOMS: atom_id res chain seq x y z
N VAL A 2 16.19 -36.70 -23.25
CA VAL A 2 15.40 -36.79 -22.03
C VAL A 2 14.38 -35.65 -21.99
N GLN A 3 13.12 -36.04 -21.84
CA GLN A 3 12.03 -35.09 -21.97
C GLN A 3 10.97 -35.41 -20.94
N LEU A 4 10.30 -34.36 -20.49
CA LEU A 4 9.05 -34.47 -19.79
C LEU A 4 8.11 -33.53 -20.53
N VAL A 5 7.08 -34.10 -21.15
CA VAL A 5 6.17 -33.32 -21.96
C VAL A 5 4.77 -33.34 -21.35
N GLN A 6 4.27 -32.18 -20.97
CA GLN A 6 2.98 -32.10 -20.27
C GLN A 6 1.83 -31.72 -21.19
N SER A 7 0.60 -32.02 -20.77
CA SER A 7 -0.58 -31.70 -21.56
C SER A 7 -0.86 -30.19 -21.53
N GLY A 8 -1.75 -29.73 -22.43
CA GLY A 8 -2.00 -28.31 -22.60
C GLY A 8 -2.95 -27.59 -21.63
N VAL A 9 -3.12 -26.30 -21.87
CA VAL A 9 -3.89 -25.39 -21.02
C VAL A 9 -5.31 -25.90 -20.66
N GLU A 10 -5.73 -25.62 -19.43
CA GLU A 10 -7.05 -26.03 -18.96
C GLU A 10 -7.80 -24.85 -18.37
N VAL A 11 -9.09 -24.78 -18.65
CA VAL A 11 -9.94 -23.76 -18.05
C VAL A 11 -11.16 -24.47 -17.48
N LYS A 12 -11.38 -24.29 -16.18
CA LYS A 12 -12.32 -25.12 -15.44
C LYS A 12 -13.24 -24.31 -14.52
N LYS A 13 -14.44 -24.84 -14.30
CA LYS A 13 -15.37 -24.29 -13.30
C LYS A 13 -15.05 -24.82 -11.91
N PRO A 14 -15.45 -24.08 -10.87
CA PRO A 14 -15.30 -24.60 -9.50
C PRO A 14 -16.16 -25.84 -9.27
N GLY A 15 -15.58 -26.82 -8.60
CA GLY A 15 -16.24 -28.10 -8.39
C GLY A 15 -15.84 -29.14 -9.44
N ALA A 16 -15.28 -28.68 -10.56
CA ALA A 16 -14.93 -29.61 -11.63
C ALA A 16 -13.65 -30.37 -11.30
N SER A 17 -13.24 -31.25 -12.22
CA SER A 17 -11.98 -31.97 -12.07
C SER A 17 -11.05 -31.58 -13.21
N VAL A 18 -9.76 -31.82 -13.02
CA VAL A 18 -8.81 -31.67 -14.12
C VAL A 18 -7.79 -32.79 -13.99
N LYS A 19 -7.37 -33.34 -15.12
CA LYS A 19 -6.34 -34.37 -15.17
C LYS A 19 -5.18 -33.92 -16.05
N VAL A 20 -4.02 -33.72 -15.46
CA VAL A 20 -2.82 -33.27 -16.17
C VAL A 20 -1.90 -34.46 -16.43
N SER A 21 -1.32 -34.53 -17.63
CA SER A 21 -0.45 -35.64 -18.00
C SER A 21 0.99 -35.21 -18.17
N CYS A 22 1.91 -36.12 -17.88
CA CYS A 22 3.33 -35.86 -18.01
C CYS A 22 4.02 -37.06 -18.64
N LYS A 23 4.29 -36.97 -19.94
CA LYS A 23 4.90 -38.07 -20.68
C LYS A 23 6.43 -38.07 -20.55
N ALA A 24 6.97 -39.20 -20.09
CA ALA A 24 8.39 -39.39 -19.89
C ALA A 24 8.89 -40.54 -20.76
N SER A 25 9.97 -41.17 -20.30
CA SER A 25 10.61 -42.25 -21.03
C SER A 25 10.79 -43.49 -20.16
N GLY A 26 11.13 -44.60 -20.80
CA GLY A 26 11.37 -45.84 -20.10
C GLY A 26 12.48 -45.68 -19.06
N TYR A 27 13.54 -44.98 -19.46
CA TYR A 27 14.66 -44.73 -18.56
C TYR A 27 14.20 -43.96 -17.32
N THR A 28 13.46 -42.87 -17.54
CA THR A 28 12.92 -42.08 -16.44
C THR A 28 12.11 -42.95 -15.48
N PHE A 29 11.33 -43.89 -16.03
CA PHE A 29 10.44 -44.67 -15.21
C PHE A 29 11.15 -45.75 -14.41
N THR A 30 12.30 -46.19 -14.89
CA THR A 30 13.03 -47.21 -14.16
C THR A 30 14.12 -46.63 -13.29
N ASN A 31 14.33 -45.33 -13.38
CA ASN A 31 15.43 -44.73 -12.65
C ASN A 31 15.08 -43.47 -11.88
N TYR A 32 13.81 -43.05 -11.90
CA TYR A 32 13.40 -41.84 -11.20
C TYR A 32 12.04 -41.99 -10.50
N TYR A 33 11.82 -41.16 -9.50
CA TYR A 33 10.50 -40.93 -8.94
C TYR A 33 9.93 -39.67 -9.59
N MET A 34 8.62 -39.52 -9.65
CA MET A 34 8.03 -38.32 -10.26
C MET A 34 7.31 -37.47 -9.22
N TYR A 35 7.46 -36.15 -9.32
CA TYR A 35 6.86 -35.27 -8.34
C TYR A 35 6.09 -34.17 -9.06
N TRP A 36 5.06 -33.67 -8.37
CA TRP A 36 4.22 -32.59 -8.87
C TRP A 36 4.35 -31.37 -7.96
N VAL A 37 4.47 -30.21 -8.59
CA VAL A 37 4.74 -28.91 -7.97
C VAL A 37 3.86 -27.89 -8.69
N ARG A 38 3.32 -26.90 -7.97
CA ARG A 38 2.53 -25.89 -8.64
C ARG A 38 2.96 -24.49 -8.26
N GLN A 39 2.57 -23.55 -9.09
CA GLN A 39 2.96 -22.17 -8.91
C GLN A 39 1.82 -21.24 -9.26
N ALA A 40 1.18 -20.65 -8.24
CA ALA A 40 0.13 -19.67 -8.47
C ALA A 40 0.71 -18.40 -9.10
N PRO A 41 -0.12 -17.63 -9.84
CA PRO A 41 0.41 -16.44 -10.51
C PRO A 41 1.00 -15.42 -9.52
N GLY A 42 2.25 -15.04 -9.72
CA GLY A 42 2.88 -14.05 -8.88
C GLY A 42 3.47 -14.65 -7.62
N GLN A 43 3.39 -15.96 -7.48
CA GLN A 43 3.86 -16.59 -6.26
C GLN A 43 4.95 -17.62 -6.53
N GLY A 44 5.49 -18.18 -5.45
CA GLY A 44 6.52 -19.20 -5.55
C GLY A 44 5.99 -20.60 -5.78
N LEU A 45 6.82 -21.57 -5.43
CA LEU A 45 6.54 -22.96 -5.74
C LEU A 45 6.02 -23.71 -4.53
N GLU A 46 5.10 -24.63 -4.77
CA GLU A 46 4.49 -25.39 -3.70
C GLU A 46 4.47 -26.87 -4.10
N TRP A 47 5.01 -27.73 -3.23
CA TRP A 47 5.03 -29.17 -3.53
C TRP A 47 3.65 -29.81 -3.27
N MET A 48 3.22 -30.70 -4.15
CA MET A 48 1.92 -31.35 -3.96
C MET A 48 2.05 -32.83 -3.55
N GLY A 49 2.85 -33.59 -4.28
CA GLY A 49 3.01 -35.01 -3.99
C GLY A 49 3.99 -35.70 -4.92
N GLY A 50 4.25 -36.97 -4.67
CA GLY A 50 5.14 -37.75 -5.53
C GLY A 50 4.65 -39.16 -5.72
N ILE A 51 5.19 -39.85 -6.72
CA ILE A 51 4.79 -41.21 -7.00
C ILE A 51 6.00 -42.02 -7.45
N ASN A 52 6.03 -43.27 -7.05
CA ASN A 52 7.07 -44.23 -7.43
C ASN A 52 6.54 -45.06 -8.60
N PRO A 53 7.06 -44.82 -9.83
CA PRO A 53 6.51 -45.55 -10.98
C PRO A 53 6.70 -47.07 -10.92
N SER A 54 7.58 -47.55 -10.04
CA SER A 54 7.83 -48.98 -9.96
C SER A 54 6.74 -49.75 -9.19
N ASN A 55 6.03 -49.09 -8.28
CA ASN A 55 5.01 -49.79 -7.51
C ASN A 55 3.72 -48.98 -7.28
N GLY A 56 3.67 -47.77 -7.83
CA GLY A 56 2.49 -46.93 -7.71
C GLY A 56 2.32 -46.25 -6.36
N GLY A 57 3.26 -46.48 -5.46
CA GLY A 57 3.24 -45.86 -4.14
C GLY A 57 3.38 -44.35 -4.23
N THR A 58 2.77 -43.65 -3.29
CA THR A 58 2.67 -42.19 -3.38
C THR A 58 3.05 -41.51 -2.08
N ASN A 59 3.48 -40.25 -2.15
CA ASN A 59 3.43 -39.42 -0.95
C ASN A 59 2.77 -38.09 -1.26
N PHE A 60 2.48 -37.32 -0.21
CA PHE A 60 1.65 -36.14 -0.36
C PHE A 60 1.98 -35.02 0.59
N ASN A 61 1.85 -33.80 0.07
CA ASN A 61 1.65 -32.66 0.95
C ASN A 61 0.23 -32.82 1.52
N GLU A 62 0.12 -32.79 2.85
CA GLU A 62 -1.13 -33.12 3.51
C GLU A 62 -2.25 -32.21 3.03
N LYS A 63 -1.91 -31.00 2.60
CA LYS A 63 -2.89 -30.02 2.13
C LYS A 63 -3.66 -30.51 0.93
N PHE A 64 -3.02 -31.37 0.13
CA PHE A 64 -3.55 -31.76 -1.18
C PHE A 64 -4.09 -33.16 -1.20
N LYS A 65 -3.82 -33.91 -0.13
CA LYS A 65 -4.12 -35.33 -0.07
C LYS A 65 -5.59 -35.61 -0.40
N ASN A 66 -6.51 -34.75 0.04
CA ASN A 66 -7.93 -35.10 -0.12
C ASN A 66 -8.42 -34.88 -1.54
N ARG A 67 -7.70 -34.10 -2.34
CA ARG A 67 -8.23 -33.74 -3.65
C ARG A 67 -7.36 -34.15 -4.82
N VAL A 68 -6.19 -34.71 -4.54
CA VAL A 68 -5.24 -35.09 -5.59
C VAL A 68 -5.14 -36.61 -5.69
N THR A 69 -5.17 -37.10 -6.91
CA THR A 69 -4.91 -38.51 -7.18
C THR A 69 -3.71 -38.60 -8.11
N LEU A 70 -2.71 -39.40 -7.74
CA LEU A 70 -1.53 -39.56 -8.59
C LEU A 70 -1.44 -40.99 -9.12
N THR A 71 -1.25 -41.12 -10.43
CA THR A 71 -1.15 -42.41 -11.08
C THR A 71 -0.08 -42.43 -12.15
N THR A 72 0.37 -43.63 -12.53
CA THR A 72 1.26 -43.78 -13.67
C THR A 72 0.72 -44.83 -14.62
N ASP A 73 1.04 -44.67 -15.90
CA ASP A 73 0.73 -45.69 -16.90
C ASP A 73 2.07 -46.17 -17.46
N SER A 74 2.51 -47.31 -16.93
CA SER A 74 3.83 -47.83 -17.23
C SER A 74 3.97 -48.07 -18.71
N SER A 75 2.88 -48.51 -19.36
CA SER A 75 2.93 -48.96 -20.74
C SER A 75 3.12 -47.81 -21.71
N THR A 76 2.70 -46.61 -21.29
CA THR A 76 2.97 -45.40 -22.06
C THR A 76 3.95 -44.47 -21.33
N THR A 77 4.60 -44.97 -20.28
CA THR A 77 5.50 -44.20 -19.41
C THR A 77 5.02 -42.76 -19.20
N THR A 78 3.77 -42.65 -18.79
CA THR A 78 3.11 -41.37 -18.56
C THR A 78 2.62 -41.30 -17.11
N ALA A 79 2.84 -40.14 -16.49
CA ALA A 79 2.37 -39.87 -15.15
C ALA A 79 1.16 -38.92 -15.22
N TYR A 80 0.21 -39.12 -14.32
CA TYR A 80 -1.03 -38.36 -14.30
C TYR A 80 -1.27 -37.71 -12.95
N MET A 81 -1.76 -36.49 -12.97
CA MET A 81 -2.21 -35.83 -11.77
C MET A 81 -3.63 -35.36 -11.95
N GLU A 82 -4.53 -35.90 -11.14
CA GLU A 82 -5.91 -35.50 -11.20
C GLU A 82 -6.20 -34.65 -9.97
N LEU A 83 -6.68 -33.43 -10.17
CA LEU A 83 -7.10 -32.60 -9.05
C LEU A 83 -8.61 -32.44 -9.13
N LYS A 84 -9.30 -32.85 -8.08
CA LYS A 84 -10.77 -32.87 -8.08
C LYS A 84 -11.32 -31.74 -7.24
N SER A 85 -12.62 -31.47 -7.41
CA SER A 85 -13.30 -30.43 -6.63
C SER A 85 -12.54 -29.11 -6.65
N LEU A 86 -12.32 -28.58 -7.86
CA LEU A 86 -11.42 -27.44 -8.04
C LEU A 86 -11.92 -26.17 -7.36
N GLN A 87 -10.98 -25.43 -6.77
CA GLN A 87 -11.24 -24.12 -6.15
C GLN A 87 -10.61 -22.98 -6.94
N PHE A 88 -11.08 -21.76 -6.71
CA PHE A 88 -10.54 -20.56 -7.35
C PHE A 88 -9.02 -20.43 -7.20
N ASP A 89 -8.50 -20.71 -6.00
CA ASP A 89 -7.06 -20.61 -5.80
C ASP A 89 -6.29 -21.90 -6.16
N ASP A 90 -6.91 -22.79 -6.95
CA ASP A 90 -6.14 -23.87 -7.60
C ASP A 90 -5.54 -23.35 -8.91
N THR A 91 -5.90 -22.12 -9.28
CA THR A 91 -5.37 -21.48 -10.48
C THR A 91 -3.85 -21.36 -10.36
N ALA A 92 -3.12 -22.04 -11.23
CA ALA A 92 -1.67 -22.12 -11.10
C ALA A 92 -1.09 -22.81 -12.32
N VAL A 93 0.22 -22.69 -12.48
CA VAL A 93 0.94 -23.58 -13.38
C VAL A 93 1.33 -24.83 -12.59
N TYR A 94 1.05 -26.00 -13.15
CA TYR A 94 1.39 -27.28 -12.55
C TYR A 94 2.56 -27.91 -13.29
N TYR A 95 3.58 -28.33 -12.53
CA TYR A 95 4.76 -28.95 -13.08
C TYR A 95 4.86 -30.39 -12.62
N CYS A 96 5.32 -31.26 -13.53
CA CYS A 96 5.85 -32.54 -13.11
C CYS A 96 7.37 -32.41 -13.12
N ALA A 97 8.04 -33.14 -12.23
CA ALA A 97 9.51 -33.06 -12.16
C ALA A 97 10.05 -34.42 -11.75
N ARG A 98 11.24 -34.80 -12.24
CA ARG A 98 11.77 -36.09 -11.88
C ARG A 98 12.93 -35.93 -10.90
N ARG A 99 13.17 -36.99 -10.12
CA ARG A 99 14.18 -37.04 -9.08
C ARG A 99 14.83 -38.42 -9.12
N ASP A 100 16.15 -38.50 -9.01
CA ASP A 100 16.87 -39.79 -9.09
C ASP A 100 16.29 -40.75 -8.04
N TYR A 101 16.05 -42.01 -8.41
CA TYR A 101 15.37 -42.91 -7.47
C TYR A 101 16.33 -43.37 -6.38
N ARG A 102 17.62 -43.14 -6.57
CA ARG A 102 18.60 -43.67 -5.61
C ARG A 102 18.72 -42.79 -4.39
N PHE A 103 18.60 -41.49 -4.62
CA PHE A 103 18.76 -40.51 -3.56
C PHE A 103 18.28 -39.18 -4.12
N ASP A 104 17.84 -38.27 -3.26
CA ASP A 104 17.39 -36.99 -3.76
C ASP A 104 18.59 -36.14 -4.17
N MET A 105 18.87 -36.12 -5.47
CA MET A 105 19.90 -35.24 -5.97
C MET A 105 19.25 -34.09 -6.71
N GLY A 106 18.09 -33.68 -6.21
CA GLY A 106 17.37 -32.55 -6.76
C GLY A 106 16.40 -32.89 -7.88
N PHE A 107 15.51 -31.96 -8.20
CA PHE A 107 14.60 -32.17 -9.31
C PHE A 107 15.37 -31.77 -10.57
N ASP A 108 15.95 -32.75 -11.27
CA ASP A 108 16.92 -32.37 -12.31
C ASP A 108 16.28 -32.14 -13.67
N TYR A 109 14.98 -32.37 -13.78
CA TYR A 109 14.33 -32.07 -15.04
C TYR A 109 12.87 -31.83 -14.80
N TRP A 110 12.37 -30.71 -15.33
CA TRP A 110 10.98 -30.33 -15.14
C TRP A 110 10.28 -30.33 -16.50
N GLY A 111 8.99 -30.66 -16.50
CA GLY A 111 8.14 -30.48 -17.67
C GLY A 111 7.89 -29.00 -17.88
N GLN A 112 7.32 -28.65 -19.03
CA GLN A 112 7.15 -27.24 -19.39
C GLN A 112 6.05 -26.54 -18.58
N GLY A 113 5.21 -27.31 -17.90
CA GLY A 113 4.18 -26.69 -17.07
C GLY A 113 2.83 -26.74 -17.77
N THR A 114 1.76 -26.88 -16.99
CA THR A 114 0.39 -26.84 -17.51
C THR A 114 -0.38 -25.76 -16.78
N THR A 115 -0.87 -24.78 -17.54
CA THR A 115 -1.65 -23.69 -16.94
C THR A 115 -3.07 -24.18 -16.67
N VAL A 116 -3.53 -24.00 -15.44
CA VAL A 116 -4.89 -24.35 -15.07
C VAL A 116 -5.54 -23.10 -14.50
N THR A 117 -6.66 -22.68 -15.09
CA THR A 117 -7.45 -21.58 -14.54
C THR A 117 -8.76 -22.14 -14.03
N VAL A 118 -9.10 -21.78 -12.78
CA VAL A 118 -10.36 -22.15 -12.17
C VAL A 118 -11.17 -20.89 -11.82
N SER A 119 -12.40 -20.83 -12.31
CA SER A 119 -13.23 -19.64 -12.16
C SER A 119 -14.70 -19.93 -12.43
N SER A 120 -15.60 -19.26 -11.73
CA SER A 120 -17.00 -19.34 -12.13
C SER A 120 -17.26 -18.43 -13.35
N ALA A 121 -16.26 -17.67 -13.78
CA ALA A 121 -16.39 -16.89 -15.02
C ALA A 121 -16.42 -17.79 -16.25
N SER A 122 -17.17 -17.36 -17.27
CA SER A 122 -17.21 -18.06 -18.55
C SER A 122 -16.35 -17.31 -19.55
N THR A 123 -16.00 -17.96 -20.66
CA THR A 123 -15.27 -17.31 -21.74
C THR A 123 -15.98 -16.03 -22.20
N LYS A 124 -15.23 -14.92 -22.26
CA LYS A 124 -15.79 -13.60 -22.57
C LYS A 124 -14.79 -12.76 -23.35
N GLY A 125 -15.23 -12.12 -24.44
CA GLY A 125 -14.34 -11.27 -25.22
C GLY A 125 -14.13 -9.91 -24.59
N PRO A 126 -12.97 -9.28 -24.84
CA PRO A 126 -12.67 -7.99 -24.22
C PRO A 126 -13.47 -6.81 -24.79
N SER A 127 -13.72 -5.83 -23.94
CA SER A 127 -14.15 -4.50 -24.41
C SER A 127 -12.89 -3.67 -24.52
N VAL A 128 -12.67 -3.07 -25.68
CA VAL A 128 -11.44 -2.32 -25.88
C VAL A 128 -11.71 -0.82 -25.86
N PHE A 129 -11.05 -0.09 -24.96
CA PHE A 129 -11.28 1.36 -24.87
C PHE A 129 -9.99 2.17 -25.16
N PRO A 130 -10.15 3.32 -25.81
CA PRO A 130 -8.97 4.16 -26.06
C PRO A 130 -8.43 4.81 -24.79
N LEU A 131 -7.12 4.92 -24.71
CA LEU A 131 -6.48 5.76 -23.70
C LEU A 131 -5.98 6.94 -24.48
N ALA A 132 -6.76 8.02 -24.48
CA ALA A 132 -6.57 9.07 -25.48
C ALA A 132 -5.48 10.04 -25.09
N PRO A 133 -4.59 10.35 -26.04
CA PRO A 133 -3.52 11.29 -25.73
C PRO A 133 -4.05 12.71 -25.58
N SER A 134 -3.49 13.46 -24.65
CA SER A 134 -3.87 14.86 -24.47
C SER A 134 -2.75 15.61 -23.78
N SER A 135 -3.03 16.84 -23.37
CA SER A 135 -2.05 17.63 -22.61
C SER A 135 -1.75 16.96 -21.26
N LYS A 136 -2.68 16.17 -20.74
CA LYS A 136 -2.50 15.47 -19.47
C LYS A 136 -1.73 14.14 -19.66
N SER A 137 -1.44 13.81 -20.91
CA SER A 137 -0.56 12.70 -21.22
C SER A 137 0.59 13.18 -22.11
N THR A 138 1.07 14.39 -21.83
CA THR A 138 2.18 14.97 -22.58
C THR A 138 3.26 15.54 -21.68
N SER A 139 4.41 14.87 -21.64
CA SER A 139 5.58 15.31 -20.85
C SER A 139 6.73 15.68 -21.77
N GLY A 140 7.07 16.96 -21.82
CA GLY A 140 8.07 17.43 -22.76
C GLY A 140 7.54 17.33 -24.18
N GLY A 141 8.34 16.77 -25.08
CA GLY A 141 7.93 16.62 -26.47
C GLY A 141 7.38 15.24 -26.73
N THR A 142 7.00 14.56 -25.64
CA THR A 142 6.50 13.20 -25.72
C THR A 142 5.03 13.14 -25.34
N ALA A 143 4.27 12.28 -26.03
CA ALA A 143 2.90 12.01 -25.64
C ALA A 143 2.72 10.52 -25.44
N ALA A 144 1.82 10.17 -24.54
CA ALA A 144 1.46 8.78 -24.35
C ALA A 144 0.02 8.52 -24.80
N LEU A 145 -0.19 7.35 -25.39
CA LEU A 145 -1.53 6.89 -25.67
C LEU A 145 -1.59 5.38 -25.51
N GLY A 146 -2.81 4.84 -25.52
CA GLY A 146 -2.93 3.40 -25.49
C GLY A 146 -4.34 2.86 -25.66
N CYS A 147 -4.50 1.61 -25.25
CA CYS A 147 -5.79 0.92 -25.24
C CYS A 147 -5.99 0.23 -23.91
N LEU A 148 -7.23 0.30 -23.44
CA LEU A 148 -7.65 -0.41 -22.25
C LEU A 148 -8.45 -1.62 -22.73
N VAL A 149 -7.89 -2.80 -22.47
CA VAL A 149 -8.51 -4.08 -22.83
C VAL A 149 -9.16 -4.73 -21.61
N LYS A 150 -10.47 -4.56 -21.48
CA LYS A 150 -11.13 -4.79 -20.21
C LYS A 150 -12.17 -5.91 -20.24
N ASP A 151 -12.28 -6.63 -19.13
CA ASP A 151 -13.34 -7.60 -18.83
C ASP A 151 -13.39 -8.80 -19.79
N TYR A 152 -12.26 -9.47 -19.94
CA TYR A 152 -12.21 -10.71 -20.72
C TYR A 152 -11.86 -11.93 -19.86
N PHE A 153 -12.09 -13.10 -20.42
CA PHE A 153 -11.78 -14.36 -19.76
C PHE A 153 -11.74 -15.45 -20.80
N PRO A 154 -10.76 -16.37 -20.71
CA PRO A 154 -9.62 -16.40 -19.80
C PRO A 154 -8.45 -15.62 -20.42
N GLU A 155 -7.29 -15.72 -19.80
CA GLU A 155 -6.04 -15.33 -20.43
C GLU A 155 -5.74 -16.31 -21.56
N PRO A 156 -4.97 -15.91 -22.58
CA PRO A 156 -4.33 -14.61 -22.72
C PRO A 156 -4.98 -13.78 -23.81
N VAL A 157 -4.68 -12.50 -23.80
CA VAL A 157 -5.02 -11.61 -24.88
C VAL A 157 -3.67 -11.22 -25.47
N THR A 158 -3.63 -10.92 -26.77
CA THR A 158 -2.39 -10.43 -27.36
C THR A 158 -2.70 -9.09 -28.01
N VAL A 159 -1.78 -8.14 -27.84
CA VAL A 159 -1.98 -6.79 -28.33
C VAL A 159 -0.82 -6.41 -29.24
N SER A 160 -1.13 -5.85 -30.40
CA SER A 160 -0.11 -5.25 -31.24
C SER A 160 -0.57 -3.84 -31.65
N TRP A 161 0.36 -3.05 -32.16
CA TRP A 161 0.08 -1.69 -32.59
C TRP A 161 0.42 -1.50 -34.08
N ASN A 162 -0.49 -0.86 -34.80
CA ASN A 162 -0.38 -0.66 -36.23
C ASN A 162 -0.01 -1.96 -36.96
N SER A 163 -0.66 -3.05 -36.55
CA SER A 163 -0.49 -4.37 -37.18
C SER A 163 0.90 -4.98 -37.01
N GLY A 164 1.60 -4.58 -35.95
CA GLY A 164 2.93 -5.11 -35.68
C GLY A 164 4.07 -4.20 -36.12
N ALA A 165 3.75 -3.17 -36.88
CA ALA A 165 4.79 -2.24 -37.35
C ALA A 165 5.36 -1.42 -36.18
N LEU A 166 4.50 -1.10 -35.22
CA LEU A 166 4.90 -0.27 -34.09
C LEU A 166 5.31 -1.14 -32.91
N THR A 167 6.60 -1.15 -32.60
CA THR A 167 7.11 -1.96 -31.49
C THR A 167 7.94 -1.16 -30.47
N SER A 168 8.66 -0.16 -30.94
CA SER A 168 9.54 0.63 -30.08
C SER A 168 8.72 1.64 -29.26
N GLY A 169 8.93 1.66 -27.95
CA GLY A 169 8.19 2.57 -27.09
C GLY A 169 6.87 1.99 -26.57
N VAL A 170 6.62 0.73 -26.89
CA VAL A 170 5.40 0.03 -26.44
C VAL A 170 5.59 -0.69 -25.10
N HIS A 171 4.59 -0.56 -24.22
CA HIS A 171 4.48 -1.38 -23.02
C HIS A 171 3.09 -1.98 -22.89
N THR A 172 3.01 -3.30 -22.96
CA THR A 172 1.77 -4.00 -22.70
C THR A 172 1.89 -4.64 -21.32
N PHE A 173 1.08 -4.17 -20.39
CA PHE A 173 1.21 -4.60 -19.00
C PHE A 173 0.61 -5.99 -18.76
N PRO A 174 1.13 -6.68 -17.75
CA PRO A 174 0.49 -7.92 -17.32
C PRO A 174 -0.92 -7.64 -16.81
N ALA A 175 -1.84 -8.53 -17.14
CA ALA A 175 -3.24 -8.39 -16.74
C ALA A 175 -3.43 -8.47 -15.23
N VAL A 176 -4.48 -7.84 -14.73
CA VAL A 176 -4.91 -7.99 -13.35
C VAL A 176 -6.26 -8.66 -13.36
N LEU A 177 -6.50 -9.48 -12.35
CA LEU A 177 -7.80 -10.10 -12.16
C LEU A 177 -8.67 -9.17 -11.33
N GLN A 178 -9.81 -8.76 -11.87
CA GLN A 178 -10.65 -7.79 -11.15
C GLN A 178 -11.52 -8.53 -10.17
N SER A 179 -12.15 -7.80 -9.26
CA SER A 179 -13.10 -8.40 -8.31
C SER A 179 -14.20 -9.20 -9.01
N SER A 180 -14.54 -8.81 -10.22
CA SER A 180 -15.60 -9.48 -10.99
C SER A 180 -15.22 -10.88 -11.47
N GLY A 181 -13.93 -11.19 -11.44
CA GLY A 181 -13.46 -12.46 -11.98
C GLY A 181 -12.98 -12.35 -13.42
N LEU A 182 -13.11 -11.17 -14.02
CA LEU A 182 -12.61 -10.97 -15.37
C LEU A 182 -11.27 -10.23 -15.33
N TYR A 183 -10.47 -10.41 -16.39
CA TYR A 183 -9.14 -9.80 -16.50
C TYR A 183 -9.21 -8.43 -17.18
N SER A 184 -8.27 -7.54 -16.85
CA SER A 184 -8.11 -6.33 -17.63
C SER A 184 -6.61 -6.00 -17.77
N LEU A 185 -6.30 -5.30 -18.85
CA LEU A 185 -4.91 -5.08 -19.24
C LEU A 185 -4.84 -3.75 -19.96
N SER A 186 -3.72 -3.06 -19.85
CA SER A 186 -3.53 -1.89 -20.68
C SER A 186 -2.28 -2.03 -21.54
N SER A 187 -2.29 -1.40 -22.70
CA SER A 187 -1.14 -1.34 -23.60
C SER A 187 -0.92 0.09 -23.99
N VAL A 188 0.28 0.62 -23.72
CA VAL A 188 0.54 2.04 -23.99
C VAL A 188 1.75 2.17 -24.90
N VAL A 189 1.80 3.28 -25.61
CA VAL A 189 2.96 3.62 -26.42
C VAL A 189 3.26 5.11 -26.20
N THR A 190 4.55 5.48 -26.26
CA THR A 190 4.93 6.88 -26.19
C THR A 190 5.42 7.31 -27.57
N VAL A 191 4.92 8.46 -28.04
CA VAL A 191 5.24 8.97 -29.36
C VAL A 191 5.60 10.45 -29.27
N PRO A 192 6.32 10.98 -30.27
CA PRO A 192 6.56 12.43 -30.21
C PRO A 192 5.21 13.17 -30.28
N SER A 193 5.04 14.15 -29.41
CA SER A 193 3.76 14.83 -29.30
C SER A 193 3.34 15.43 -30.64
N SER A 194 4.33 15.92 -31.39
CA SER A 194 4.09 16.53 -32.70
C SER A 194 3.48 15.54 -33.67
N SER A 195 3.64 14.24 -33.40
CA SER A 195 3.17 13.20 -34.31
C SER A 195 1.68 12.91 -34.11
N LEU A 196 1.07 13.54 -33.11
CA LEU A 196 -0.34 13.28 -32.83
C LEU A 196 -1.25 13.75 -33.96
N GLY A 197 -0.74 14.65 -34.80
CA GLY A 197 -1.51 15.19 -35.91
C GLY A 197 -0.97 14.79 -37.26
N THR A 198 -0.06 13.80 -37.28
CA THR A 198 0.58 13.37 -38.51
C THR A 198 0.72 11.84 -38.59
N GLN A 199 0.16 11.14 -37.62
CA GLN A 199 0.31 9.69 -37.55
C GLN A 199 -0.96 9.03 -37.06
N THR A 200 -1.32 7.90 -37.66
CA THR A 200 -2.46 7.12 -37.19
C THR A 200 -1.98 5.96 -36.29
N TYR A 201 -2.63 5.80 -35.13
CA TYR A 201 -2.26 4.79 -34.15
C TYR A 201 -3.44 3.86 -33.88
N ILE A 202 -3.25 2.57 -34.18
CA ILE A 202 -4.30 1.57 -34.03
C ILE A 202 -3.82 0.38 -33.21
N CYS A 203 -4.58 0.01 -32.19
CA CYS A 203 -4.22 -1.16 -31.40
C CYS A 203 -5.02 -2.37 -31.86
N ASN A 204 -4.31 -3.46 -32.10
CA ASN A 204 -4.90 -4.72 -32.57
C ASN A 204 -4.96 -5.69 -31.42
N VAL A 205 -6.17 -6.11 -31.07
CA VAL A 205 -6.39 -6.99 -29.93
C VAL A 205 -6.94 -8.32 -30.41
N ASN A 206 -6.30 -9.42 -29.99
CA ASN A 206 -6.75 -10.75 -30.34
C ASN A 206 -7.00 -11.57 -29.07
N HIS A 207 -8.20 -12.11 -28.94
CA HIS A 207 -8.54 -12.98 -27.81
C HIS A 207 -9.06 -14.29 -28.40
N LYS A 208 -8.13 -15.23 -28.60
CA LYS A 208 -8.47 -16.46 -29.31
C LYS A 208 -9.58 -17.28 -28.64
N PRO A 209 -9.60 -17.37 -27.29
CA PRO A 209 -10.69 -18.20 -26.75
C PRO A 209 -12.10 -17.73 -27.14
N SER A 210 -12.34 -16.42 -27.30
CA SER A 210 -13.67 -15.95 -27.66
C SER A 210 -13.78 -15.55 -29.14
N ASN A 211 -12.79 -15.95 -29.95
CA ASN A 211 -12.68 -15.59 -31.37
C ASN A 211 -12.67 -14.09 -31.68
N THR A 212 -12.18 -13.29 -30.74
CA THR A 212 -12.24 -11.84 -30.86
C THR A 212 -10.97 -11.24 -31.50
N LYS A 213 -11.20 -10.49 -32.58
CA LYS A 213 -10.16 -9.69 -33.23
C LYS A 213 -10.73 -8.30 -33.43
N VAL A 214 -10.16 -7.34 -32.71
CA VAL A 214 -10.67 -5.97 -32.76
C VAL A 214 -9.53 -5.04 -33.06
N ASP A 215 -9.77 -4.04 -33.90
CA ASP A 215 -8.84 -2.94 -34.10
C ASP A 215 -9.47 -1.68 -33.55
N LYS A 216 -8.68 -0.87 -32.85
CA LYS A 216 -9.19 0.37 -32.27
C LYS A 216 -8.28 1.54 -32.58
N LYS A 217 -8.77 2.47 -33.40
CA LYS A 217 -8.04 3.71 -33.66
C LYS A 217 -8.08 4.61 -32.44
N VAL A 218 -6.92 5.05 -31.99
CA VAL A 218 -6.83 5.90 -30.82
C VAL A 218 -6.53 7.34 -31.25
N GLU A 219 -7.49 8.24 -31.04
CA GLU A 219 -7.35 9.63 -31.47
C GLU A 219 -7.18 10.60 -30.29
N PRO A 220 -6.51 11.75 -30.52
CA PRO A 220 -6.29 12.74 -29.46
C PRO A 220 -7.57 13.44 -28.97
N GLU B 1 5.96 -28.41 9.31
CA GLU B 1 6.78 -28.26 8.13
C GLU B 1 8.03 -27.42 8.39
N ILE B 2 9.07 -27.70 7.62
CA ILE B 2 10.24 -26.86 7.65
C ILE B 2 10.04 -25.74 6.63
N VAL B 3 10.23 -24.51 7.08
CA VAL B 3 10.03 -23.35 6.23
C VAL B 3 11.37 -22.72 5.91
N LEU B 4 11.56 -22.36 4.64
CA LEU B 4 12.79 -21.75 4.14
C LEU B 4 12.57 -20.27 3.82
N THR B 5 13.40 -19.43 4.41
CA THR B 5 13.32 -17.98 4.26
C THR B 5 14.51 -17.50 3.42
N GLN B 6 14.23 -16.95 2.25
CA GLN B 6 15.28 -16.44 1.39
C GLN B 6 15.44 -14.94 1.57
N SER B 7 16.66 -14.46 1.45
CA SER B 7 16.91 -13.03 1.55
C SER B 7 18.14 -12.69 0.73
N PRO B 8 18.22 -11.45 0.23
CA PRO B 8 17.11 -10.49 0.25
C PRO B 8 16.10 -10.85 -0.85
N ALA B 9 14.89 -10.30 -0.78
CA ALA B 9 13.89 -10.59 -1.80
C ALA B 9 14.37 -10.17 -3.20
N THR B 10 15.15 -9.09 -3.24
CA THR B 10 15.67 -8.57 -4.49
C THR B 10 17.13 -8.15 -4.32
N LEU B 11 17.97 -8.59 -5.24
CA LEU B 11 19.34 -8.11 -5.32
C LEU B 11 19.50 -7.31 -6.61
N SER B 12 20.00 -6.08 -6.50
CA SER B 12 20.20 -5.25 -7.68
C SER B 12 21.70 -5.18 -7.98
N LEU B 13 22.13 -5.80 -9.07
CA LEU B 13 23.56 -5.89 -9.36
C LEU B 13 23.87 -5.65 -10.83
N SER B 14 25.12 -5.37 -11.14
CA SER B 14 25.51 -5.20 -12.52
C SER B 14 26.26 -6.46 -13.00
N PRO B 15 26.27 -6.71 -14.32
CA PRO B 15 27.02 -7.85 -14.85
C PRO B 15 28.50 -7.81 -14.47
N GLY B 16 29.08 -8.95 -14.11
CA GLY B 16 30.45 -9.01 -13.65
C GLY B 16 30.58 -9.04 -12.13
N GLU B 17 29.53 -8.58 -11.45
CA GLU B 17 29.53 -8.43 -10.00
C GLU B 17 29.23 -9.78 -9.33
N ARG B 18 29.74 -9.98 -8.13
CA ARG B 18 29.39 -11.19 -7.37
C ARG B 18 27.97 -11.08 -6.82
N ALA B 19 27.18 -12.14 -6.96
CA ALA B 19 25.87 -12.25 -6.31
C ALA B 19 25.86 -13.32 -5.19
N THR B 20 25.45 -12.94 -3.98
CA THR B 20 25.38 -13.90 -2.90
C THR B 20 23.95 -13.94 -2.33
N LEU B 21 23.34 -15.10 -2.41
CA LEU B 21 21.94 -15.27 -2.01
C LEU B 21 21.90 -16.14 -0.77
N SER B 22 20.93 -15.89 0.09
CA SER B 22 20.86 -16.62 1.33
C SER B 22 19.56 -17.39 1.45
N CYS B 23 19.64 -18.56 2.08
CA CYS B 23 18.51 -19.37 2.43
C CYS B 23 18.65 -19.85 3.87
N ARG B 24 17.63 -19.58 4.70
CA ARG B 24 17.63 -19.96 6.11
C ARG B 24 16.42 -20.86 6.44
N ALA B 25 16.67 -22.02 7.06
CA ALA B 25 15.58 -22.95 7.40
C ALA B 25 15.12 -22.79 8.85
N SER B 26 13.83 -23.01 9.09
CA SER B 26 13.26 -22.90 10.43
C SER B 26 13.75 -24.01 11.37
N LYS B 27 14.23 -25.11 10.81
CA LYS B 27 14.87 -26.18 11.58
C LYS B 27 15.98 -26.77 10.73
N GLY B 28 16.88 -27.52 11.35
CA GLY B 28 18.02 -28.08 10.63
C GLY B 28 17.61 -29.00 9.49
N VAL B 29 18.27 -28.86 8.34
CA VAL B 29 17.97 -29.76 7.21
C VAL B 29 19.17 -30.63 6.88
N SER B 30 20.04 -30.85 7.87
CA SER B 30 21.22 -31.68 7.68
C SER B 30 21.17 -32.92 8.56
N THR B 31 21.62 -34.05 8.03
CA THR B 31 21.73 -35.31 8.77
C THR B 31 22.96 -36.07 8.30
N SER B 32 23.76 -36.56 9.25
CA SER B 32 24.97 -37.35 8.97
C SER B 32 25.97 -36.63 8.04
N GLY B 33 25.99 -35.30 8.08
CA GLY B 33 26.88 -34.55 7.23
C GLY B 33 26.29 -34.31 5.85
N TYR B 34 25.05 -34.74 5.63
CA TYR B 34 24.37 -34.45 4.35
C TYR B 34 23.37 -33.34 4.55
N SER B 35 23.30 -32.39 3.62
CA SER B 35 22.34 -31.30 3.71
C SER B 35 21.33 -31.42 2.58
N TYR B 36 20.07 -31.63 2.94
CA TYR B 36 19.02 -31.87 1.95
C TYR B 36 18.46 -30.54 1.49
N LEU B 37 19.27 -29.81 0.75
CA LEU B 37 18.90 -28.48 0.31
C LEU B 37 19.36 -28.26 -1.13
N HIS B 38 18.46 -27.79 -2.01
CA HIS B 38 18.85 -27.57 -3.41
C HIS B 38 18.44 -26.20 -3.89
N TRP B 39 19.08 -25.75 -4.97
CA TRP B 39 18.87 -24.44 -5.55
C TRP B 39 18.43 -24.51 -7.00
N TYR B 40 17.48 -23.65 -7.37
CA TYR B 40 16.96 -23.61 -8.74
C TYR B 40 16.92 -22.20 -9.29
N GLN B 41 16.94 -22.12 -10.60
CA GLN B 41 16.82 -20.85 -11.32
C GLN B 41 15.49 -20.86 -12.06
N GLN B 42 14.79 -19.73 -12.11
CA GLN B 42 13.63 -19.66 -12.98
C GLN B 42 13.54 -18.33 -13.71
N LYS B 43 13.33 -18.41 -15.01
CA LYS B 43 13.08 -17.23 -15.85
C LYS B 43 11.61 -17.15 -16.16
N PRO B 44 11.09 -15.93 -16.38
CA PRO B 44 9.69 -15.70 -16.79
C PRO B 44 9.18 -16.68 -17.86
N GLY B 45 8.05 -17.32 -17.60
CA GLY B 45 7.44 -18.21 -18.57
C GLY B 45 8.13 -19.54 -18.73
N GLN B 46 9.10 -19.83 -17.86
CA GLN B 46 9.88 -21.05 -17.98
C GLN B 46 9.81 -21.90 -16.71
N ALA B 47 9.98 -23.21 -16.87
CA ALA B 47 10.15 -24.10 -15.73
C ALA B 47 11.49 -23.86 -15.04
N PRO B 48 11.55 -24.08 -13.71
CA PRO B 48 12.81 -23.98 -12.98
C PRO B 48 13.88 -24.91 -13.56
N ARG B 49 15.14 -24.54 -13.35
CA ARG B 49 16.28 -25.39 -13.69
C ARG B 49 17.14 -25.61 -12.44
N LEU B 50 17.55 -26.86 -12.21
CA LEU B 50 18.40 -27.21 -11.07
C LEU B 50 19.83 -26.68 -11.24
N LEU B 51 20.32 -25.99 -10.22
CA LEU B 51 21.68 -25.43 -10.21
C LEU B 51 22.62 -26.21 -9.32
N ILE B 52 22.17 -26.40 -8.09
CA ILE B 52 22.97 -26.96 -7.00
C ILE B 52 22.17 -28.03 -6.28
N TYR B 53 22.75 -29.21 -6.02
CA TYR B 53 22.01 -30.19 -5.23
C TYR B 53 22.75 -30.56 -3.96
N LEU B 54 21.99 -30.98 -2.95
CA LEU B 54 22.52 -31.33 -1.64
C LEU B 54 23.53 -30.29 -1.10
N ALA B 55 23.13 -29.02 -1.22
CA ALA B 55 23.77 -27.85 -0.64
C ALA B 55 25.02 -27.41 -1.40
N SER B 56 25.80 -28.33 -1.92
CA SER B 56 27.11 -27.92 -2.41
C SER B 56 27.59 -28.58 -3.71
N TYR B 57 26.76 -29.43 -4.29
CA TYR B 57 27.17 -30.11 -5.52
C TYR B 57 26.63 -29.39 -6.75
N LEU B 58 27.52 -29.17 -7.71
CA LEU B 58 27.14 -28.49 -8.95
C LEU B 58 26.45 -29.45 -9.91
N GLU B 59 25.24 -29.11 -10.35
CA GLU B 59 24.55 -29.95 -11.32
C GLU B 59 25.31 -29.94 -12.65
N SER B 60 25.42 -31.11 -13.27
CA SER B 60 26.16 -31.22 -14.52
C SER B 60 25.51 -30.36 -15.59
N GLY B 61 26.34 -29.63 -16.34
CA GLY B 61 25.83 -28.72 -17.34
C GLY B 61 25.80 -27.28 -16.86
N VAL B 62 25.82 -27.09 -15.55
CA VAL B 62 25.70 -25.76 -14.93
C VAL B 62 27.10 -25.11 -14.81
N PRO B 63 27.25 -23.87 -15.28
CA PRO B 63 28.55 -23.16 -15.30
C PRO B 63 29.23 -23.07 -13.93
N ALA B 64 30.56 -23.06 -13.94
CA ALA B 64 31.36 -23.13 -12.71
C ALA B 64 31.22 -21.92 -11.82
N ARG B 65 30.73 -20.80 -12.37
CA ARG B 65 30.53 -19.61 -11.56
C ARG B 65 29.44 -19.76 -10.51
N PHE B 66 28.61 -20.80 -10.61
CA PHE B 66 27.60 -21.08 -9.58
C PHE B 66 28.16 -22.01 -8.52
N SER B 67 27.99 -21.67 -7.25
CA SER B 67 28.39 -22.57 -6.17
C SER B 67 27.51 -22.43 -4.94
N GLY B 68 27.36 -23.53 -4.21
CA GLY B 68 26.51 -23.53 -3.03
C GLY B 68 27.31 -23.87 -1.78
N SER B 69 26.88 -23.34 -0.65
CA SER B 69 27.57 -23.58 0.61
C SER B 69 26.56 -23.62 1.75
N GLY B 70 26.98 -24.13 2.91
CA GLY B 70 26.14 -24.14 4.11
C GLY B 70 25.84 -25.50 4.71
N SER B 71 25.18 -25.49 5.86
CA SER B 71 24.68 -26.69 6.54
C SER B 71 23.77 -26.30 7.72
N GLY B 72 23.01 -27.27 8.26
CA GLY B 72 22.11 -26.98 9.37
C GLY B 72 20.98 -26.06 8.91
N THR B 73 20.97 -24.81 9.38
CA THR B 73 19.92 -23.87 8.99
C THR B 73 20.34 -22.74 8.02
N ASP B 74 21.62 -22.67 7.67
CA ASP B 74 22.21 -21.52 6.98
C ASP B 74 22.87 -21.89 5.65
N PHE B 75 22.36 -21.39 4.54
CA PHE B 75 22.84 -21.74 3.22
C PHE B 75 22.97 -20.51 2.33
N THR B 76 23.92 -20.56 1.41
CA THR B 76 24.11 -19.50 0.43
C THR B 76 24.32 -20.08 -0.97
N LEU B 77 23.86 -19.33 -1.97
CA LEU B 77 24.18 -19.62 -3.36
C LEU B 77 24.99 -18.44 -3.86
N THR B 78 26.14 -18.71 -4.46
CA THR B 78 26.99 -17.62 -4.92
C THR B 78 27.17 -17.73 -6.43
N ILE B 79 27.05 -16.58 -7.09
CA ILE B 79 27.47 -16.45 -8.50
C ILE B 79 28.69 -15.55 -8.53
N SER B 80 29.84 -16.14 -8.80
CA SER B 80 31.12 -15.42 -8.64
C SER B 80 31.18 -14.19 -9.52
N SER B 81 30.58 -14.24 -10.70
CA SER B 81 30.54 -13.09 -11.59
C SER B 81 29.32 -13.19 -12.47
N LEU B 82 28.38 -12.28 -12.31
CA LEU B 82 27.12 -12.35 -13.03
C LEU B 82 27.27 -12.20 -14.54
N GLU B 83 26.70 -13.11 -15.30
CA GLU B 83 26.56 -12.92 -16.75
C GLU B 83 25.14 -12.40 -17.02
N PRO B 84 24.93 -11.77 -18.18
CA PRO B 84 23.58 -11.27 -18.49
C PRO B 84 22.50 -12.35 -18.38
N GLU B 85 22.85 -13.58 -18.70
CA GLU B 85 21.93 -14.71 -18.59
C GLU B 85 21.50 -15.07 -17.16
N ASP B 86 22.19 -14.54 -16.15
CA ASP B 86 21.92 -14.99 -14.78
C ASP B 86 20.92 -14.12 -14.02
N PHE B 87 20.38 -13.09 -14.66
CA PHE B 87 19.39 -12.26 -14.01
C PHE B 87 18.03 -12.99 -14.12
N ALA B 88 17.56 -13.45 -12.97
CA ALA B 88 16.44 -14.38 -12.92
C ALA B 88 16.00 -14.48 -11.47
N VAL B 89 15.01 -15.34 -11.21
CA VAL B 89 14.61 -15.65 -9.84
C VAL B 89 15.26 -16.96 -9.40
N TYR B 90 15.71 -17.01 -8.15
CA TYR B 90 16.35 -18.22 -7.62
C TYR B 90 15.61 -18.73 -6.39
N TYR B 91 15.34 -20.05 -6.36
CA TYR B 91 14.69 -20.69 -5.21
C TYR B 91 15.57 -21.74 -4.54
N CYS B 92 15.45 -21.87 -3.22
CA CYS B 92 16.00 -23.03 -2.52
C CYS B 92 14.86 -23.97 -2.13
N GLN B 93 15.17 -25.25 -1.96
CA GLN B 93 14.19 -26.28 -1.63
C GLN B 93 14.83 -27.31 -0.71
N HIS B 94 14.09 -27.78 0.29
CA HIS B 94 14.61 -28.82 1.17
C HIS B 94 13.89 -30.17 0.95
N SER B 95 14.52 -31.25 1.38
CA SER B 95 13.84 -32.55 1.44
C SER B 95 14.29 -33.31 2.69
N ARG B 96 14.45 -32.57 3.78
CA ARG B 96 14.89 -33.12 5.06
C ARG B 96 13.76 -33.96 5.67
N ASP B 97 12.52 -33.58 5.39
CA ASP B 97 11.36 -34.40 5.71
C ASP B 97 10.18 -33.92 4.87
N LEU B 98 9.01 -34.47 5.14
CA LEU B 98 7.81 -34.07 4.41
C LEU B 98 7.02 -33.09 5.27
N PRO B 99 6.35 -32.11 4.64
CA PRO B 99 6.36 -31.84 3.21
C PRO B 99 7.64 -31.20 2.70
N LEU B 100 8.01 -31.52 1.47
CA LEU B 100 8.99 -30.74 0.70
C LEU B 100 8.50 -29.29 0.64
N THR B 101 9.37 -28.32 0.88
CA THR B 101 8.98 -26.93 0.70
C THR B 101 10.06 -26.12 -0.01
N PHE B 102 9.62 -25.02 -0.63
CA PHE B 102 10.48 -24.09 -1.33
C PHE B 102 10.57 -22.74 -0.60
N GLY B 103 11.67 -22.02 -0.78
CA GLY B 103 11.79 -20.67 -0.25
C GLY B 103 10.91 -19.74 -1.09
N GLY B 104 10.73 -18.50 -0.65
CA GLY B 104 9.90 -17.56 -1.39
C GLY B 104 10.54 -16.97 -2.64
N GLY B 105 11.82 -17.23 -2.84
CA GLY B 105 12.47 -16.75 -4.05
C GLY B 105 13.24 -15.46 -3.86
N THR B 106 14.36 -15.35 -4.57
CA THR B 106 15.13 -14.10 -4.63
C THR B 106 15.25 -13.68 -6.08
N LYS B 107 14.86 -12.44 -6.38
CA LYS B 107 15.01 -11.91 -7.72
C LYS B 107 16.36 -11.18 -7.87
N VAL B 108 17.16 -11.57 -8.85
CA VAL B 108 18.37 -10.81 -9.15
C VAL B 108 18.06 -9.93 -10.36
N GLU B 109 18.02 -8.60 -10.15
CA GLU B 109 17.73 -7.65 -11.23
C GLU B 109 18.96 -6.81 -11.59
N ILE B 110 18.89 -6.15 -12.74
CA ILE B 110 19.99 -5.30 -13.23
C ILE B 110 19.99 -3.93 -12.54
N LYS B 111 21.13 -3.55 -11.96
CA LYS B 111 21.28 -2.22 -11.38
C LYS B 111 21.53 -1.18 -12.48
N ARG B 112 20.89 -0.02 -12.35
CA ARG B 112 21.15 1.09 -13.25
C ARG B 112 20.97 2.40 -12.47
N THR B 113 21.26 3.51 -13.10
CA THR B 113 21.13 4.80 -12.43
C THR B 113 19.64 5.08 -12.17
N VAL B 114 19.37 5.87 -11.14
CA VAL B 114 18.03 6.25 -10.80
C VAL B 114 17.39 6.96 -11.99
N ALA B 115 16.16 6.59 -12.33
CA ALA B 115 15.43 7.26 -13.39
C ALA B 115 14.01 7.58 -12.89
N ALA B 116 13.64 8.86 -12.93
CA ALA B 116 12.31 9.27 -12.50
C ALA B 116 11.26 8.88 -13.53
N PRO B 117 10.07 8.51 -13.06
CA PRO B 117 9.01 8.21 -14.03
C PRO B 117 8.52 9.48 -14.74
N SER B 118 8.08 9.34 -15.99
CA SER B 118 7.21 10.37 -16.54
C SER B 118 5.79 9.88 -16.25
N VAL B 119 4.92 10.79 -15.82
CA VAL B 119 3.58 10.43 -15.34
C VAL B 119 2.54 10.94 -16.33
N PHE B 120 1.63 10.06 -16.72
CA PHE B 120 0.55 10.41 -17.63
C PHE B 120 -0.79 9.99 -17.05
N ILE B 121 -1.84 10.75 -17.31
CA ILE B 121 -3.17 10.36 -16.80
C ILE B 121 -4.17 10.34 -17.94
N PHE B 122 -5.09 9.37 -17.88
CA PHE B 122 -6.05 9.17 -18.95
C PHE B 122 -7.47 9.14 -18.36
N PRO B 123 -8.32 10.09 -18.76
CA PRO B 123 -9.73 10.11 -18.33
C PRO B 123 -10.48 8.94 -18.96
N PRO B 124 -11.63 8.56 -18.40
CA PRO B 124 -12.44 7.49 -19.01
C PRO B 124 -12.86 7.86 -20.43
N SER B 125 -12.89 6.90 -21.35
CA SER B 125 -13.46 7.15 -22.67
C SER B 125 -14.98 7.32 -22.60
N ASP B 126 -15.53 8.17 -23.47
CA ASP B 126 -16.97 8.34 -23.55
C ASP B 126 -17.65 7.00 -23.83
N GLU B 127 -16.98 6.17 -24.64
CA GLU B 127 -17.56 4.88 -24.99
C GLU B 127 -17.77 4.07 -23.73
N GLN B 128 -16.76 4.03 -22.88
CA GLN B 128 -16.89 3.29 -21.63
C GLN B 128 -18.01 3.88 -20.75
N LEU B 129 -18.09 5.21 -20.68
CA LEU B 129 -19.09 5.88 -19.85
C LEU B 129 -20.53 5.48 -20.20
N LYS B 130 -20.74 5.00 -21.42
CA LYS B 130 -22.04 4.49 -21.82
C LYS B 130 -22.36 3.15 -21.16
N SER B 131 -21.32 2.45 -20.69
CA SER B 131 -21.48 1.12 -20.11
C SER B 131 -21.77 1.13 -18.62
N GLY B 132 -21.78 2.32 -18.02
CA GLY B 132 -22.08 2.46 -16.61
C GLY B 132 -20.89 2.27 -15.70
N THR B 133 -19.69 2.33 -16.28
CA THR B 133 -18.45 2.16 -15.55
C THR B 133 -17.44 3.18 -16.06
N ALA B 134 -16.52 3.57 -15.19
CA ALA B 134 -15.55 4.59 -15.50
C ALA B 134 -14.18 4.13 -15.01
N SER B 135 -13.24 3.95 -15.93
CA SER B 135 -11.88 3.59 -15.54
C SER B 135 -10.94 4.78 -15.80
N VAL B 136 -10.22 5.19 -14.76
CA VAL B 136 -9.20 6.21 -14.88
C VAL B 136 -7.85 5.53 -14.78
N VAL B 137 -6.96 5.84 -15.71
CA VAL B 137 -5.68 5.17 -15.82
C VAL B 137 -4.51 6.13 -15.57
N CYS B 138 -3.61 5.73 -14.68
CA CYS B 138 -2.36 6.46 -14.45
C CYS B 138 -1.18 5.60 -14.88
N LEU B 139 -0.29 6.19 -15.68
CA LEU B 139 0.86 5.49 -16.26
C LEU B 139 2.17 6.15 -15.79
N LEU B 140 3.06 5.33 -15.24
CA LEU B 140 4.42 5.75 -14.84
C LEU B 140 5.38 5.06 -15.80
N ASN B 141 6.07 5.85 -16.62
CA ASN B 141 6.85 5.27 -17.70
C ASN B 141 8.34 5.33 -17.44
N ASN B 142 9.01 4.20 -17.64
CA ASN B 142 10.48 4.12 -17.72
C ASN B 142 11.22 4.67 -16.50
N PHE B 143 11.05 4.02 -15.36
CA PHE B 143 11.68 4.48 -14.13
C PHE B 143 12.52 3.38 -13.48
N TYR B 144 13.34 3.78 -12.52
CA TYR B 144 14.19 2.86 -11.77
C TYR B 144 14.62 3.58 -10.49
N PRO B 145 14.60 2.87 -9.35
CA PRO B 145 14.25 1.45 -9.16
C PRO B 145 12.75 1.22 -9.19
N ARG B 146 12.34 -0.04 -8.98
CA ARG B 146 10.95 -0.47 -9.17
C ARG B 146 9.95 0.13 -8.15
N GLU B 147 10.43 0.39 -6.93
CA GLU B 147 9.60 0.99 -5.89
C GLU B 147 9.04 2.36 -6.25
N ALA B 148 7.71 2.43 -6.34
CA ALA B 148 7.02 3.67 -6.63
C ALA B 148 5.68 3.65 -5.91
N LYS B 149 5.28 4.78 -5.37
CA LYS B 149 3.97 4.87 -4.74
C LYS B 149 3.02 5.66 -5.61
N VAL B 150 1.86 5.06 -5.89
CA VAL B 150 0.78 5.70 -6.62
C VAL B 150 -0.48 5.81 -5.74
N GLN B 151 -0.95 7.03 -5.54
CA GLN B 151 -2.15 7.24 -4.75
C GLN B 151 -3.20 7.99 -5.58
N TRP B 152 -4.43 7.50 -5.50
CA TRP B 152 -5.53 8.12 -6.20
C TRP B 152 -6.29 9.07 -5.26
N LYS B 153 -6.61 10.25 -5.78
CA LYS B 153 -7.34 11.24 -5.00
C LYS B 153 -8.53 11.72 -5.82
N VAL B 154 -9.71 11.69 -5.23
CA VAL B 154 -10.91 12.16 -5.87
C VAL B 154 -11.47 13.30 -5.01
N ASP B 155 -11.52 14.50 -5.58
CA ASP B 155 -11.86 15.70 -4.82
C ASP B 155 -11.05 15.78 -3.51
N ASN B 156 -9.76 15.46 -3.62
CA ASN B 156 -8.78 15.43 -2.52
C ASN B 156 -8.91 14.26 -1.54
N ALA B 157 -9.91 13.42 -1.70
CA ALA B 157 -10.09 12.27 -0.81
C ALA B 157 -9.24 11.09 -1.31
N LEU B 158 -8.40 10.56 -0.43
CA LEU B 158 -7.61 9.38 -0.76
C LEU B 158 -8.49 8.15 -1.03
N GLN B 159 -8.23 7.48 -2.14
CA GLN B 159 -8.97 6.30 -2.54
C GLN B 159 -8.28 5.04 -2.06
N SER B 160 -9.06 4.10 -1.56
CA SER B 160 -8.55 2.81 -1.13
C SER B 160 -9.54 1.71 -1.50
N GLY B 161 -9.03 0.65 -2.12
CA GLY B 161 -9.86 -0.51 -2.39
C GLY B 161 -10.55 -0.51 -3.74
N ASN B 162 -10.28 0.51 -4.56
CA ASN B 162 -10.91 0.58 -5.87
C ASN B 162 -9.88 0.80 -6.98
N SER B 163 -8.64 0.41 -6.74
CA SER B 163 -7.63 0.50 -7.79
C SER B 163 -6.75 -0.75 -7.83
N GLN B 164 -6.21 -1.05 -8.99
CA GLN B 164 -5.28 -2.16 -9.13
C GLN B 164 -4.11 -1.69 -10.00
N GLU B 165 -2.93 -2.26 -9.77
CA GLU B 165 -1.77 -1.85 -10.56
C GLU B 165 -1.06 -3.06 -11.16
N SER B 166 -0.29 -2.80 -12.21
CA SER B 166 0.49 -3.85 -12.88
C SER B 166 1.83 -3.22 -13.24
N VAL B 167 2.88 -4.04 -13.28
CA VAL B 167 4.25 -3.57 -13.52
C VAL B 167 4.91 -4.44 -14.57
N THR B 168 5.56 -3.84 -15.57
CA THR B 168 6.24 -4.62 -16.59
C THR B 168 7.49 -5.31 -16.05
N GLU B 169 7.99 -6.29 -16.79
CA GLU B 169 9.33 -6.81 -16.50
C GLU B 169 10.37 -5.74 -16.83
N GLN B 170 11.53 -5.83 -16.18
CA GLN B 170 12.61 -4.89 -16.43
C GLN B 170 12.94 -4.82 -17.92
N ASP B 171 12.99 -3.62 -18.48
CA ASP B 171 13.18 -3.48 -19.92
C ASP B 171 14.54 -4.04 -20.37
N SER B 172 14.52 -4.86 -21.41
CA SER B 172 15.75 -5.47 -21.90
C SER B 172 16.70 -4.45 -22.53
N LYS B 173 16.18 -3.30 -22.92
CA LYS B 173 17.00 -2.25 -23.54
C LYS B 173 17.58 -1.24 -22.52
N ASP B 174 16.75 -0.65 -21.67
CA ASP B 174 17.25 0.37 -20.74
C ASP B 174 17.13 0.01 -19.27
N SER B 175 16.71 -1.22 -18.97
CA SER B 175 16.68 -1.74 -17.59
C SER B 175 15.73 -0.99 -16.65
N THR B 176 14.73 -0.30 -17.21
CA THR B 176 13.75 0.44 -16.41
C THR B 176 12.46 -0.36 -16.23
N TYR B 177 11.60 0.14 -15.34
CA TYR B 177 10.25 -0.41 -15.17
C TYR B 177 9.20 0.60 -15.61
N SER B 178 8.00 0.12 -15.92
CA SER B 178 6.85 1.00 -16.12
C SER B 178 5.67 0.40 -15.34
N LEU B 179 4.73 1.26 -14.96
CA LEU B 179 3.63 0.86 -14.09
C LEU B 179 2.33 1.46 -14.56
N SER B 180 1.27 0.66 -14.54
CA SER B 180 -0.06 1.13 -14.85
C SER B 180 -0.95 0.94 -13.65
N SER B 181 -1.73 1.96 -13.31
CA SER B 181 -2.69 1.88 -12.23
C SER B 181 -4.07 2.30 -12.74
N THR B 182 -5.09 1.54 -12.36
CA THR B 182 -6.45 1.79 -12.82
C THR B 182 -7.37 2.01 -11.65
N LEU B 183 -8.03 3.17 -11.65
CA LEU B 183 -9.07 3.47 -10.69
C LEU B 183 -10.41 3.17 -11.34
N THR B 184 -11.22 2.36 -10.69
CA THR B 184 -12.50 2.00 -11.31
C THR B 184 -13.67 2.38 -10.43
N LEU B 185 -14.57 3.18 -10.98
CA LEU B 185 -15.80 3.57 -10.30
C LEU B 185 -17.00 3.32 -11.20
N SER B 186 -18.19 3.22 -10.61
CA SER B 186 -19.42 3.23 -11.37
C SER B 186 -19.56 4.60 -12.04
N LYS B 187 -20.29 4.66 -13.15
CA LYS B 187 -20.52 5.94 -13.81
C LYS B 187 -21.18 6.94 -12.86
N ALA B 188 -22.07 6.45 -11.99
CA ALA B 188 -22.78 7.32 -11.07
C ALA B 188 -21.86 7.95 -10.03
N ASP B 189 -20.94 7.17 -9.46
CA ASP B 189 -19.96 7.73 -8.54
C ASP B 189 -19.06 8.70 -9.27
N TYR B 190 -18.60 8.31 -10.44
CA TYR B 190 -17.72 9.15 -11.25
C TYR B 190 -18.33 10.53 -11.50
N GLU B 191 -19.63 10.59 -11.79
CA GLU B 191 -20.24 11.86 -12.14
C GLU B 191 -20.54 12.72 -10.92
N LYS B 192 -20.28 12.18 -9.74
CA LYS B 192 -20.57 12.92 -8.51
C LYS B 192 -19.36 13.71 -8.02
N HIS B 193 -18.23 13.58 -8.73
CA HIS B 193 -17.04 14.33 -8.33
C HIS B 193 -16.39 15.08 -9.49
N LYS B 194 -15.52 16.02 -9.17
CA LYS B 194 -15.03 16.90 -10.22
C LYS B 194 -13.57 16.61 -10.58
N VAL B 195 -12.71 16.42 -9.58
CA VAL B 195 -11.28 16.36 -9.85
C VAL B 195 -10.67 15.00 -9.52
N TYR B 196 -10.01 14.42 -10.52
CA TYR B 196 -9.36 13.11 -10.39
C TYR B 196 -7.88 13.31 -10.53
N ALA B 197 -7.12 12.80 -9.57
CA ALA B 197 -5.68 12.98 -9.55
C ALA B 197 -4.98 11.66 -9.19
N CYS B 198 -3.84 11.39 -9.80
CA CYS B 198 -2.95 10.38 -9.24
C CYS B 198 -1.66 11.07 -8.79
N GLU B 199 -1.25 10.76 -7.57
CA GLU B 199 -0.08 11.39 -6.95
C GLU B 199 1.03 10.36 -6.86
N VAL B 200 2.18 10.67 -7.45
CA VAL B 200 3.27 9.71 -7.62
C VAL B 200 4.52 10.07 -6.80
N THR B 201 4.96 9.15 -5.93
CA THR B 201 6.18 9.36 -5.17
C THR B 201 7.23 8.37 -5.65
N HIS B 202 8.44 8.88 -5.91
CA HIS B 202 9.52 8.05 -6.38
C HIS B 202 10.82 8.77 -6.09
N GLN B 203 11.85 8.01 -5.73
CA GLN B 203 13.08 8.60 -5.24
C GLN B 203 13.79 9.42 -6.29
N GLY B 204 13.40 9.26 -7.56
CA GLY B 204 13.99 10.06 -8.63
C GLY B 204 13.34 11.43 -8.75
N LEU B 205 12.26 11.65 -8.02
CA LEU B 205 11.54 12.92 -8.05
C LEU B 205 11.90 13.76 -6.83
N SER B 206 12.11 15.06 -7.03
CA SER B 206 12.43 15.96 -5.92
C SER B 206 11.21 16.20 -5.00
N SER B 207 10.04 16.16 -5.59
CA SER B 207 8.80 16.17 -4.83
C SER B 207 7.79 15.29 -5.54
N PRO B 208 6.74 14.85 -4.83
CA PRO B 208 5.73 14.03 -5.50
C PRO B 208 5.05 14.79 -6.61
N VAL B 209 4.78 14.06 -7.69
CA VAL B 209 4.16 14.60 -8.90
C VAL B 209 2.67 14.26 -8.92
N THR B 210 1.85 15.28 -9.16
CA THR B 210 0.41 15.12 -9.21
C THR B 210 -0.04 15.40 -10.63
N LYS B 211 -0.72 14.42 -11.23
CA LYS B 211 -1.35 14.60 -12.53
C LYS B 211 -2.87 14.57 -12.27
N SER B 212 -3.60 15.56 -12.78
CA SER B 212 -5.03 15.59 -12.51
C SER B 212 -5.81 16.15 -13.69
N PHE B 213 -7.12 15.95 -13.67
CA PHE B 213 -8.01 16.56 -14.66
C PHE B 213 -9.37 16.83 -14.03
N ASN B 214 -10.09 17.79 -14.61
CA ASN B 214 -11.49 18.00 -14.28
C ASN B 214 -12.38 17.10 -15.11
N ARG B 215 -13.30 16.36 -14.49
CA ARG B 215 -14.30 15.62 -15.28
C ARG B 215 -15.01 16.59 -16.21
N GLY B 216 -15.14 16.22 -17.48
CA GLY B 216 -15.81 17.04 -18.48
C GLY B 216 -14.93 18.13 -19.09
N GLU B 217 -13.63 18.12 -18.76
CA GLU B 217 -12.71 19.15 -19.25
C GLU B 217 -12.67 19.19 -20.77
N GLN C 1 -7.48 41.67 23.81
CA GLN C 1 -7.01 40.46 23.13
C GLN C 1 -8.21 39.66 22.61
N VAL C 2 -8.25 39.43 21.31
CA VAL C 2 -9.36 38.71 20.70
C VAL C 2 -9.23 37.24 21.03
N GLN C 3 -10.34 36.64 21.47
CA GLN C 3 -10.32 35.23 21.81
C GLN C 3 -11.59 34.52 21.41
N LEU C 4 -11.42 33.28 20.95
CA LEU C 4 -12.51 32.37 20.67
C LEU C 4 -12.20 31.12 21.46
N VAL C 5 -12.94 30.90 22.55
CA VAL C 5 -12.69 29.76 23.44
C VAL C 5 -13.81 28.73 23.30
N GLN C 6 -13.44 27.53 22.88
CA GLN C 6 -14.42 26.47 22.63
C GLN C 6 -14.52 25.51 23.82
N SER C 7 -15.65 24.79 23.89
CA SER C 7 -15.88 23.83 24.96
C SER C 7 -15.02 22.57 24.78
N GLY C 8 -14.94 21.76 25.84
CA GLY C 8 -14.05 20.62 25.92
C GLY C 8 -14.43 19.35 25.17
N VAL C 9 -13.62 18.32 25.35
CA VAL C 9 -13.72 17.10 24.54
C VAL C 9 -15.08 16.39 24.68
N GLU C 10 -15.56 15.80 23.58
CA GLU C 10 -16.82 15.06 23.58
C GLU C 10 -16.63 13.64 23.06
N VAL C 11 -17.26 12.69 23.73
CA VAL C 11 -17.26 11.29 23.28
C VAL C 11 -18.70 10.81 23.17
N LYS C 12 -19.10 10.34 22.00
CA LYS C 12 -20.52 10.11 21.74
C LYS C 12 -20.77 8.77 21.05
N LYS C 13 -21.97 8.26 21.21
CA LYS C 13 -22.47 7.09 20.49
C LYS C 13 -23.17 7.51 19.17
N PRO C 14 -23.22 6.61 18.18
CA PRO C 14 -23.99 6.83 16.95
C PRO C 14 -25.46 7.17 17.24
N GLY C 15 -25.97 8.23 16.62
CA GLY C 15 -27.34 8.64 16.82
C GLY C 15 -27.52 9.75 17.85
N ALA C 16 -26.54 9.92 18.73
CA ALA C 16 -26.64 10.94 19.78
C ALA C 16 -26.44 12.32 19.19
N SER C 17 -26.54 13.34 20.04
CA SER C 17 -26.33 14.71 19.62
C SER C 17 -25.12 15.28 20.35
N VAL C 18 -24.51 16.31 19.77
CA VAL C 18 -23.44 17.04 20.44
C VAL C 18 -23.66 18.51 20.19
N LYS C 19 -23.46 19.32 21.23
CA LYS C 19 -23.51 20.78 21.10
C LYS C 19 -22.18 21.39 21.55
N VAL C 20 -21.47 22.02 20.62
CA VAL C 20 -20.19 22.67 20.94
C VAL C 20 -20.37 24.18 21.02
N SER C 21 -19.68 24.80 21.98
CA SER C 21 -19.81 26.24 22.19
C SER C 21 -18.51 26.96 21.84
N CYS C 22 -18.65 28.21 21.43
CA CYS C 22 -17.53 29.03 21.02
C CYS C 22 -17.73 30.41 21.61
N LYS C 23 -17.09 30.64 22.75
CA LYS C 23 -17.20 31.91 23.51
C LYS C 23 -16.23 32.96 23.01
N ALA C 24 -16.75 34.03 22.42
CA ALA C 24 -15.93 35.14 21.93
C ALA C 24 -15.76 36.25 22.96
N SER C 25 -14.56 36.82 23.01
CA SER C 25 -14.32 38.02 23.79
C SER C 25 -13.24 38.84 23.08
N GLY C 26 -13.04 40.08 23.54
CA GLY C 26 -11.95 40.88 23.01
C GLY C 26 -12.27 41.68 21.74
N TYR C 27 -13.45 41.47 21.19
CA TYR C 27 -13.91 42.25 20.04
C TYR C 27 -15.41 42.49 20.06
N THR C 28 -15.91 43.23 19.08
CA THR C 28 -17.34 43.51 18.97
C THR C 28 -17.97 42.38 18.20
N PHE C 29 -18.77 41.59 18.92
CA PHE C 29 -19.34 40.32 18.45
C PHE C 29 -20.10 40.46 17.12
N THR C 30 -20.85 41.55 16.97
CA THR C 30 -21.72 41.68 15.82
C THR C 30 -21.01 42.24 14.59
N ASN C 31 -19.72 42.54 14.69
CA ASN C 31 -18.96 43.04 13.55
C ASN C 31 -18.25 41.95 12.75
N TYR C 32 -18.57 40.70 13.08
CA TYR C 32 -17.99 39.55 12.42
C TYR C 32 -19.05 38.49 12.19
N TYR C 33 -18.89 37.70 11.14
CA TYR C 33 -19.71 36.51 10.98
C TYR C 33 -18.93 35.37 11.62
N MET C 34 -19.62 34.34 12.08
CA MET C 34 -18.94 33.21 12.70
C MET C 34 -19.11 31.94 11.85
N TYR C 35 -18.01 31.24 11.56
CA TYR C 35 -18.15 30.03 10.75
C TYR C 35 -17.63 28.81 11.51
N TRP C 36 -17.98 27.64 10.99
CA TRP C 36 -17.65 26.36 11.60
C TRP C 36 -17.02 25.46 10.54
N VAL C 37 -15.93 24.82 10.94
CA VAL C 37 -15.04 24.07 10.07
C VAL C 37 -14.58 22.84 10.88
N ARG C 38 -14.51 21.66 10.24
CA ARG C 38 -14.02 20.50 10.97
C ARG C 38 -12.89 19.82 10.20
N GLN C 39 -12.15 18.99 10.92
CA GLN C 39 -11.00 18.31 10.37
C GLN C 39 -10.95 16.93 10.95
N ALA C 40 -11.21 15.92 10.11
CA ALA C 40 -11.14 14.53 10.51
C ALA C 40 -9.68 14.16 10.73
N PRO C 41 -9.41 13.15 11.56
CA PRO C 41 -8.03 12.73 11.85
C PRO C 41 -7.22 12.46 10.59
N GLY C 42 -6.09 13.13 10.47
CA GLY C 42 -5.20 12.94 9.32
C GLY C 42 -5.74 13.48 8.01
N GLN C 43 -6.83 14.23 8.04
CA GLN C 43 -7.38 14.78 6.81
C GLN C 43 -7.36 16.29 6.85
N GLY C 44 -7.82 16.91 5.76
CA GLY C 44 -7.82 18.35 5.67
C GLY C 44 -9.05 19.00 6.30
N LEU C 45 -9.39 20.18 5.78
CA LEU C 45 -10.42 21.00 6.35
C LEU C 45 -11.71 20.97 5.53
N GLU C 46 -12.85 21.00 6.23
CA GLU C 46 -14.17 20.96 5.59
C GLU C 46 -15.10 22.00 6.22
N TRP C 47 -15.67 22.86 5.40
CA TRP C 47 -16.55 23.92 5.88
C TRP C 47 -17.94 23.35 6.16
N MET C 48 -18.57 23.76 7.26
CA MET C 48 -19.87 23.21 7.61
C MET C 48 -20.98 24.24 7.48
N GLY C 49 -20.79 25.40 8.09
CA GLY C 49 -21.78 26.45 7.96
C GLY C 49 -21.33 27.79 8.55
N GLY C 50 -22.22 28.77 8.51
CA GLY C 50 -21.93 30.06 9.09
C GLY C 50 -23.17 30.73 9.63
N ILE C 51 -22.98 31.71 10.49
CA ILE C 51 -24.10 32.42 11.08
C ILE C 51 -23.76 33.90 11.24
N ASN C 52 -24.77 34.75 11.08
CA ASN C 52 -24.65 36.18 11.31
C ASN C 52 -25.21 36.49 12.72
N PRO C 53 -24.34 36.93 13.64
CA PRO C 53 -24.74 37.13 15.03
C PRO C 53 -25.70 38.30 15.22
N SER C 54 -25.86 39.13 14.20
CA SER C 54 -26.71 40.30 14.32
C SER C 54 -28.19 39.96 14.07
N ASN C 55 -28.49 38.92 13.30
CA ASN C 55 -29.90 38.59 13.04
C ASN C 55 -30.19 37.10 13.06
N GLY C 56 -29.16 36.29 13.28
CA GLY C 56 -29.33 34.85 13.39
C GLY C 56 -29.37 34.14 12.06
N GLY C 57 -29.16 34.87 10.96
CA GLY C 57 -29.17 34.29 9.64
C GLY C 57 -28.02 33.30 9.47
N THR C 58 -28.25 32.26 8.69
CA THR C 58 -27.28 31.17 8.55
C THR C 58 -27.07 30.76 7.09
N ASN C 59 -25.93 30.15 6.80
CA ASN C 59 -25.77 29.40 5.55
C ASN C 59 -25.05 28.08 5.85
N PHE C 60 -25.13 27.15 4.92
CA PHE C 60 -24.68 25.79 5.16
C PHE C 60 -23.98 25.15 3.99
N ASN C 61 -23.02 24.29 4.31
CA ASN C 61 -22.60 23.27 3.39
C ASN C 61 -23.80 22.32 3.27
N GLU C 62 -24.29 22.12 2.05
CA GLU C 62 -25.52 21.36 1.85
C GLU C 62 -25.49 20.01 2.54
N LYS C 63 -24.31 19.39 2.57
CA LYS C 63 -24.11 18.06 3.14
C LYS C 63 -24.34 17.98 4.65
N PHE C 64 -24.37 19.13 5.33
CA PHE C 64 -24.56 19.14 6.78
C PHE C 64 -25.90 19.73 7.20
N LYS C 65 -26.64 20.27 6.23
CA LYS C 65 -27.80 21.08 6.55
C LYS C 65 -28.80 20.29 7.40
N ASN C 66 -28.96 19.01 7.07
CA ASN C 66 -30.02 18.24 7.72
C ASN C 66 -29.71 17.87 9.16
N ARG C 67 -28.49 18.16 9.62
CA ARG C 67 -28.10 17.68 10.95
C ARG C 67 -27.48 18.75 11.84
N VAL C 68 -27.24 19.93 11.27
CA VAL C 68 -26.56 20.98 12.02
C VAL C 68 -27.50 22.14 12.33
N THR C 69 -27.51 22.57 13.58
CA THR C 69 -28.19 23.80 13.95
C THR C 69 -27.18 24.80 14.47
N LEU C 70 -27.21 26.01 13.93
CA LEU C 70 -26.32 27.07 14.42
C LEU C 70 -27.13 28.15 15.11
N THR C 71 -26.69 28.53 16.30
CA THR C 71 -27.33 29.57 17.08
C THR C 71 -26.24 30.47 17.66
N THR C 72 -26.62 31.65 18.12
CA THR C 72 -25.72 32.47 18.94
C THR C 72 -26.49 33.03 20.13
N ASP C 73 -25.76 33.36 21.19
CA ASP C 73 -26.35 33.98 22.36
C ASP C 73 -25.67 35.33 22.53
N SER C 74 -26.38 36.41 22.21
CA SER C 74 -25.75 37.72 22.22
C SER C 74 -25.26 38.14 23.59
N SER C 75 -26.11 37.95 24.60
CA SER C 75 -25.82 38.44 25.94
C SER C 75 -24.50 37.88 26.48
N THR C 76 -24.16 36.67 26.05
CA THR C 76 -22.90 36.06 26.45
C THR C 76 -21.92 35.93 25.29
N THR C 77 -22.24 36.59 24.19
CA THR C 77 -21.43 36.59 22.95
C THR C 77 -20.82 35.21 22.66
N THR C 78 -21.69 34.20 22.61
CA THR C 78 -21.28 32.83 22.37
C THR C 78 -22.01 32.26 21.16
N ALA C 79 -21.29 31.49 20.35
CA ALA C 79 -21.90 30.82 19.20
C ALA C 79 -22.02 29.33 19.51
N TYR C 80 -23.05 28.69 18.99
CA TYR C 80 -23.27 27.28 19.25
C TYR C 80 -23.45 26.48 17.96
N MET C 81 -22.87 25.29 17.95
CA MET C 81 -23.02 24.38 16.83
C MET C 81 -23.58 23.07 17.37
N GLU C 82 -24.82 22.76 17.03
CA GLU C 82 -25.38 21.48 17.42
C GLU C 82 -25.39 20.53 16.24
N LEU C 83 -24.82 19.35 16.41
CA LEU C 83 -24.80 18.35 15.36
C LEU C 83 -25.58 17.14 15.85
N LYS C 84 -26.58 16.73 15.09
CA LYS C 84 -27.45 15.65 15.53
C LYS C 84 -27.22 14.37 14.73
N SER C 85 -27.78 13.27 15.22
CA SER C 85 -27.69 11.96 14.58
C SER C 85 -26.25 11.64 14.17
N LEU C 86 -25.35 11.78 15.13
CA LEU C 86 -23.92 11.60 14.88
C LEU C 86 -23.62 10.26 14.23
N GLN C 87 -22.66 10.29 13.31
CA GLN C 87 -22.17 9.10 12.63
C GLN C 87 -20.69 8.95 12.92
N PHE C 88 -20.15 7.74 12.74
CA PHE C 88 -18.73 7.47 12.91
C PHE C 88 -17.82 8.49 12.22
N ASP C 89 -18.13 8.83 10.97
CA ASP C 89 -17.31 9.79 10.23
C ASP C 89 -17.49 11.23 10.66
N ASP C 90 -18.27 11.47 11.72
CA ASP C 90 -18.33 12.81 12.32
C ASP C 90 -17.19 12.99 13.32
N THR C 91 -16.41 11.94 13.52
CA THR C 91 -15.21 12.04 14.34
C THR C 91 -14.26 13.06 13.72
N ALA C 92 -14.00 14.14 14.46
CA ALA C 92 -13.18 15.22 13.94
C ALA C 92 -12.93 16.25 15.01
N VAL C 93 -11.99 17.15 14.73
CA VAL C 93 -11.82 18.39 15.48
C VAL C 93 -12.71 19.42 14.81
N TYR C 94 -13.53 20.10 15.61
CA TYR C 94 -14.47 21.12 15.17
C TYR C 94 -13.97 22.50 15.60
N TYR C 95 -13.85 23.41 14.63
CA TYR C 95 -13.41 24.78 14.86
C TYR C 95 -14.51 25.79 14.62
N CYS C 96 -14.51 26.85 15.42
CA CYS C 96 -15.21 28.08 15.05
C CYS C 96 -14.15 29.07 14.57
N ALA C 97 -14.54 29.95 13.64
CA ALA C 97 -13.61 30.93 13.10
C ALA C 97 -14.40 32.19 12.75
N ARG C 98 -13.82 33.36 12.98
CA ARG C 98 -14.57 34.58 12.68
C ARG C 98 -14.09 35.20 11.36
N ARG C 99 -14.94 36.05 10.80
CA ARG C 99 -14.60 36.73 9.57
C ARG C 99 -15.29 38.11 9.56
N ASP C 100 -14.59 39.11 9.03
CA ASP C 100 -15.09 40.49 9.02
C ASP C 100 -16.47 40.58 8.36
N TYR C 101 -17.42 41.31 8.94
CA TYR C 101 -18.76 41.27 8.36
C TYR C 101 -18.84 42.11 7.07
N ARG C 102 -17.85 42.98 6.88
CA ARG C 102 -17.87 43.88 5.71
C ARG C 102 -17.48 43.19 4.40
N PHE C 103 -16.59 42.21 4.48
CA PHE C 103 -16.12 41.49 3.29
C PHE C 103 -15.31 40.29 3.75
N ASP C 104 -15.13 39.29 2.89
CA ASP C 104 -14.30 38.15 3.26
C ASP C 104 -12.82 38.52 3.20
N MET C 105 -12.25 38.80 4.36
CA MET C 105 -10.81 39.03 4.43
C MET C 105 -10.13 37.86 5.16
N GLY C 106 -10.73 36.69 5.00
CA GLY C 106 -10.18 35.46 5.58
C GLY C 106 -10.72 35.15 6.96
N PHE C 107 -10.48 33.92 7.41
CA PHE C 107 -10.80 33.54 8.78
C PHE C 107 -9.61 33.96 9.64
N ASP C 108 -9.68 35.16 10.24
CA ASP C 108 -8.47 35.71 10.88
C ASP C 108 -8.25 35.22 12.31
N TYR C 109 -9.30 34.71 12.95
CA TYR C 109 -9.12 34.13 14.29
C TYR C 109 -9.90 32.85 14.40
N TRP C 110 -9.27 31.83 14.97
CA TRP C 110 -9.86 30.52 15.10
C TRP C 110 -9.92 30.14 16.57
N GLY C 111 -10.95 29.39 16.97
CA GLY C 111 -10.99 28.79 18.29
C GLY C 111 -9.95 27.66 18.37
N GLN C 112 -9.71 27.14 19.56
CA GLN C 112 -8.66 26.15 19.72
C GLN C 112 -9.10 24.76 19.21
N GLY C 113 -10.38 24.60 18.91
CA GLY C 113 -10.87 23.33 18.39
C GLY C 113 -11.47 22.51 19.51
N THR C 114 -12.44 21.67 19.14
CA THR C 114 -13.07 20.74 20.06
C THR C 114 -13.00 19.35 19.43
N THR C 115 -12.41 18.38 20.12
CA THR C 115 -12.40 17.01 19.62
C THR C 115 -13.73 16.30 19.91
N VAL C 116 -14.33 15.73 18.89
CA VAL C 116 -15.53 14.94 19.05
C VAL C 116 -15.24 13.56 18.49
N THR C 117 -15.37 12.52 19.32
CA THR C 117 -15.24 11.15 18.88
C THR C 117 -16.63 10.50 18.83
N VAL C 118 -16.94 9.82 17.74
CA VAL C 118 -18.21 9.10 17.62
C VAL C 118 -17.95 7.64 17.30
N SER C 119 -18.49 6.73 18.13
CA SER C 119 -18.41 5.30 17.83
C SER C 119 -19.24 4.44 18.79
N SER C 120 -19.50 3.21 18.38
CA SER C 120 -20.24 2.24 19.20
C SER C 120 -19.42 1.75 20.39
N ALA C 121 -18.11 2.00 20.34
CA ALA C 121 -17.23 1.62 21.44
C ALA C 121 -17.58 2.35 22.73
N SER C 122 -17.22 1.77 23.86
CA SER C 122 -17.44 2.37 25.16
C SER C 122 -16.09 2.62 25.80
N THR C 123 -16.04 3.54 26.77
CA THR C 123 -14.79 3.81 27.50
C THR C 123 -14.16 2.51 28.03
N LYS C 124 -12.89 2.29 27.71
CA LYS C 124 -12.21 1.03 28.05
C LYS C 124 -10.72 1.26 28.35
N GLY C 125 -10.22 0.63 29.41
CA GLY C 125 -8.82 0.78 29.78
C GLY C 125 -7.92 -0.03 28.86
N PRO C 126 -6.67 0.41 28.66
CA PRO C 126 -5.80 -0.34 27.76
C PRO C 126 -5.22 -1.61 28.38
N SER C 127 -4.92 -2.59 27.53
CA SER C 127 -4.08 -3.70 27.94
C SER C 127 -2.64 -3.33 27.52
N VAL C 128 -1.70 -3.41 28.45
CA VAL C 128 -0.32 -3.07 28.13
C VAL C 128 0.55 -4.33 28.01
N PHE C 129 1.22 -4.48 26.87
CA PHE C 129 2.11 -5.62 26.64
C PHE C 129 3.54 -5.19 26.39
N PRO C 130 4.51 -5.99 26.84
CA PRO C 130 5.92 -5.67 26.60
C PRO C 130 6.33 -5.91 25.15
N LEU C 131 7.17 -5.03 24.61
CA LEU C 131 7.87 -5.28 23.37
C LEU C 131 9.28 -5.59 23.81
N ALA C 132 9.56 -6.88 24.01
CA ALA C 132 10.74 -7.29 24.74
C ALA C 132 11.99 -7.30 23.86
N PRO C 133 13.08 -6.71 24.36
CA PRO C 133 14.31 -6.66 23.58
C PRO C 133 14.92 -8.05 23.45
N SER C 134 15.49 -8.33 22.29
CA SER C 134 16.20 -9.58 22.05
C SER C 134 17.26 -9.35 20.97
N SER C 135 17.80 -10.43 20.42
CA SER C 135 18.74 -10.30 19.31
C SER C 135 18.02 -9.80 18.04
N LYS C 136 16.72 -10.03 17.95
CA LYS C 136 15.95 -9.59 16.77
C LYS C 136 15.54 -8.11 16.91
N SER C 137 15.97 -7.54 18.02
CA SER C 137 15.64 -6.19 18.41
C SER C 137 16.93 -5.41 18.68
N THR C 138 18.03 -5.88 18.08
CA THR C 138 19.34 -5.24 18.24
C THR C 138 20.06 -5.09 16.92
N SER C 139 20.81 -4.00 16.83
CA SER C 139 21.57 -3.65 15.63
C SER C 139 22.71 -2.72 16.05
N GLY C 140 23.94 -3.10 15.70
CA GLY C 140 25.08 -2.43 16.28
C GLY C 140 25.09 -2.75 17.78
N GLY C 141 25.40 -1.75 18.60
CA GLY C 141 25.44 -1.96 20.03
C GLY C 141 24.19 -1.44 20.73
N THR C 142 23.13 -1.23 19.97
CA THR C 142 21.91 -0.70 20.55
C THR C 142 20.77 -1.72 20.44
N ALA C 143 19.95 -1.76 21.49
CA ALA C 143 18.75 -2.59 21.47
C ALA C 143 17.50 -1.72 21.51
N ALA C 144 16.42 -2.23 20.95
CA ALA C 144 15.14 -1.54 21.05
C ALA C 144 14.18 -2.36 21.89
N LEU C 145 13.39 -1.67 22.71
CA LEU C 145 12.34 -2.29 23.49
C LEU C 145 11.18 -1.34 23.58
N GLY C 146 10.01 -1.82 24.03
CA GLY C 146 8.89 -0.93 24.18
C GLY C 146 7.69 -1.51 24.90
N CYS C 147 6.57 -0.80 24.79
CA CYS C 147 5.29 -1.27 25.31
C CYS C 147 4.24 -1.15 24.23
N LEU C 148 3.41 -2.18 24.11
CA LEU C 148 2.27 -2.13 23.22
C LEU C 148 1.08 -1.79 24.11
N VAL C 149 0.44 -0.67 23.83
CA VAL C 149 -0.71 -0.25 24.61
C VAL C 149 -1.96 -0.47 23.77
N LYS C 150 -2.73 -1.52 24.10
CA LYS C 150 -3.68 -2.02 23.12
C LYS C 150 -5.13 -2.02 23.63
N ASP C 151 -6.05 -1.73 22.72
CA ASP C 151 -7.49 -1.90 22.90
C ASP C 151 -8.08 -0.97 23.95
N TYR C 152 -7.85 0.33 23.78
CA TYR C 152 -8.44 1.32 24.67
C TYR C 152 -9.38 2.23 23.92
N PHE C 153 -10.16 2.99 24.68
CA PHE C 153 -11.05 3.97 24.09
C PHE C 153 -11.53 4.87 25.21
N PRO C 154 -11.68 6.17 24.94
CA PRO C 154 -11.27 6.88 23.71
C PRO C 154 -9.80 7.27 23.79
N GLU C 155 -9.31 8.01 22.81
CA GLU C 155 -8.06 8.75 22.94
C GLU C 155 -8.20 9.82 24.05
N PRO C 156 -7.08 10.24 24.67
CA PRO C 156 -5.73 9.74 24.41
C PRO C 156 -5.21 8.94 25.58
N VAL C 157 -4.04 8.37 25.37
CA VAL C 157 -3.29 7.74 26.42
C VAL C 157 -1.97 8.50 26.47
N THR C 158 -1.34 8.58 27.63
CA THR C 158 0.00 9.13 27.66
C THR C 158 0.94 8.09 28.22
N VAL C 159 2.12 8.01 27.63
CA VAL C 159 3.16 7.07 28.04
C VAL C 159 4.38 7.86 28.47
N SER C 160 4.99 7.47 29.58
CA SER C 160 6.36 7.92 29.88
C SER C 160 7.21 6.71 30.21
N TRP C 161 8.51 6.90 30.29
CA TRP C 161 9.41 5.80 30.61
C TRP C 161 10.19 6.14 31.88
N ASN C 162 10.25 5.17 32.79
CA ASN C 162 10.96 5.34 34.06
C ASN C 162 10.53 6.61 34.77
N SER C 163 9.21 6.79 34.81
CA SER C 163 8.58 7.94 35.48
C SER C 163 8.97 9.29 34.87
N GLY C 164 9.34 9.30 33.60
CA GLY C 164 9.72 10.54 32.95
C GLY C 164 11.21 10.88 32.98
N ALA C 165 12.01 10.05 33.64
CA ALA C 165 13.45 10.24 33.61
C ALA C 165 13.99 9.93 32.21
N LEU C 166 13.35 8.98 31.52
CA LEU C 166 13.87 8.55 30.23
C LEU C 166 13.12 9.23 29.10
N THR C 167 13.77 10.17 28.45
CA THR C 167 13.15 10.94 27.36
C THR C 167 13.89 10.80 26.03
N SER C 168 15.22 10.75 26.07
CA SER C 168 16.04 10.69 24.86
C SER C 168 16.05 9.29 24.23
N GLY C 169 15.74 9.20 22.93
CA GLY C 169 15.65 7.93 22.26
C GLY C 169 14.26 7.32 22.27
N VAL C 170 13.28 8.04 22.81
CA VAL C 170 11.91 7.54 22.89
C VAL C 170 11.06 7.94 21.68
N HIS C 171 10.29 6.99 21.14
CA HIS C 171 9.25 7.30 20.15
C HIS C 171 7.92 6.73 20.56
N THR C 172 6.94 7.60 20.76
CA THR C 172 5.56 7.18 21.03
C THR C 172 4.74 7.46 19.78
N PHE C 173 4.30 6.39 19.12
CA PHE C 173 3.65 6.53 17.82
C PHE C 173 2.22 6.97 17.95
N PRO C 174 1.70 7.73 16.96
CA PRO C 174 0.27 7.99 16.88
C PRO C 174 -0.53 6.69 16.94
N ALA C 175 -1.66 6.72 17.64
CA ALA C 175 -2.52 5.54 17.74
C ALA C 175 -3.14 5.21 16.40
N VAL C 176 -3.45 3.94 16.19
CA VAL C 176 -4.28 3.53 15.07
C VAL C 176 -5.63 3.03 15.58
N LEU C 177 -6.66 3.20 14.76
CA LEU C 177 -8.00 2.77 15.11
C LEU C 177 -8.21 1.38 14.53
N GLN C 178 -8.37 0.39 15.40
CA GLN C 178 -8.49 -0.98 14.93
C GLN C 178 -9.89 -1.22 14.42
N SER C 179 -10.07 -2.30 13.68
CA SER C 179 -11.38 -2.66 13.14
C SER C 179 -12.40 -3.01 14.22
N SER C 180 -11.91 -3.22 15.44
CA SER C 180 -12.79 -3.45 16.60
C SER C 180 -13.39 -2.16 17.15
N GLY C 181 -12.88 -1.02 16.68
CA GLY C 181 -13.30 0.25 17.22
C GLY C 181 -12.44 0.71 18.38
N LEU C 182 -11.43 -0.08 18.74
CA LEU C 182 -10.55 0.30 19.83
C LEU C 182 -9.19 0.79 19.30
N TYR C 183 -8.55 1.69 20.04
CA TYR C 183 -7.23 2.19 19.64
C TYR C 183 -6.07 1.30 20.11
N SER C 184 -4.96 1.39 19.40
CA SER C 184 -3.73 0.71 19.76
C SER C 184 -2.53 1.63 19.44
N LEU C 185 -1.57 1.63 20.34
CA LEU C 185 -0.43 2.54 20.27
C LEU C 185 0.82 1.80 20.67
N SER C 186 1.96 2.15 20.08
CA SER C 186 3.24 1.59 20.49
C SER C 186 4.13 2.69 21.03
N SER C 187 4.95 2.35 22.03
CA SER C 187 5.95 3.29 22.53
C SER C 187 7.26 2.54 22.64
N VAL C 188 8.31 3.06 21.99
CA VAL C 188 9.56 2.33 21.89
C VAL C 188 10.72 3.19 22.36
N VAL C 189 11.74 2.55 22.89
CA VAL C 189 12.97 3.28 23.20
C VAL C 189 14.17 2.47 22.72
N THR C 190 15.23 3.17 22.31
CA THR C 190 16.45 2.48 21.93
C THR C 190 17.52 2.79 22.98
N VAL C 191 18.16 1.73 23.48
CA VAL C 191 19.17 1.78 24.53
C VAL C 191 20.36 0.91 24.12
N PRO C 192 21.54 1.14 24.74
CA PRO C 192 22.68 0.31 24.35
C PRO C 192 22.50 -1.14 24.81
N SER C 193 22.85 -2.09 23.94
CA SER C 193 22.58 -3.49 24.22
C SER C 193 23.23 -3.98 25.51
N SER C 194 24.39 -3.44 25.85
CA SER C 194 25.08 -3.86 27.07
C SER C 194 24.28 -3.48 28.30
N SER C 195 23.35 -2.54 28.16
CA SER C 195 22.61 -2.02 29.30
C SER C 195 21.43 -2.92 29.67
N LEU C 196 21.04 -3.80 28.76
CA LEU C 196 19.88 -4.67 28.95
C LEU C 196 20.00 -5.54 30.21
N GLY C 197 21.22 -5.90 30.57
CA GLY C 197 21.45 -6.76 31.73
C GLY C 197 21.57 -5.96 33.02
N THR C 198 22.04 -4.73 32.87
CA THR C 198 22.19 -3.85 34.02
C THR C 198 20.86 -3.19 34.43
N GLN C 199 20.27 -2.44 33.50
CA GLN C 199 19.25 -1.45 33.82
C GLN C 199 17.81 -1.95 33.89
N THR C 200 16.95 -1.11 34.47
CA THR C 200 15.50 -1.35 34.58
C THR C 200 14.74 -0.38 33.70
N TYR C 201 13.87 -0.92 32.83
CA TYR C 201 13.06 -0.12 31.92
C TYR C 201 11.57 -0.36 32.17
N ILE C 202 10.89 0.68 32.64
CA ILE C 202 9.46 0.59 32.98
C ILE C 202 8.65 1.61 32.17
N CYS C 203 7.60 1.16 31.47
CA CYS C 203 6.73 2.13 30.79
C CYS C 203 5.52 2.49 31.66
N ASN C 204 5.22 3.78 31.76
CA ASN C 204 4.13 4.24 32.61
C ASN C 204 3.02 4.77 31.71
N VAL C 205 1.86 4.13 31.81
CA VAL C 205 0.74 4.40 30.93
C VAL C 205 -0.43 4.98 31.71
N ASN C 206 -0.89 6.14 31.27
CA ASN C 206 -2.04 6.77 31.90
C ASN C 206 -3.16 6.94 30.89
N HIS C 207 -4.34 6.45 31.24
CA HIS C 207 -5.52 6.60 30.40
C HIS C 207 -6.60 7.21 31.27
N LYS C 208 -6.59 8.53 31.34
CA LYS C 208 -7.47 9.25 32.24
C LYS C 208 -8.97 8.93 32.07
N PRO C 209 -9.48 8.82 30.82
CA PRO C 209 -10.91 8.51 30.69
C PRO C 209 -11.39 7.26 31.42
N SER C 210 -10.53 6.27 31.62
CA SER C 210 -10.93 5.08 32.39
C SER C 210 -10.26 5.06 33.76
N ASN C 211 -9.62 6.18 34.12
CA ASN C 211 -8.83 6.31 35.36
C ASN C 211 -7.73 5.24 35.52
N THR C 212 -7.17 4.80 34.40
CA THR C 212 -6.18 3.72 34.41
C THR C 212 -4.74 4.25 34.48
N LYS C 213 -3.98 3.71 35.44
CA LYS C 213 -2.55 3.96 35.53
C LYS C 213 -1.80 2.65 35.75
N VAL C 214 -1.04 2.25 34.75
CA VAL C 214 -0.30 1.00 34.80
C VAL C 214 1.18 1.32 34.66
N ASP C 215 2.02 0.56 35.35
CA ASP C 215 3.45 0.53 35.06
C ASP C 215 3.79 -0.88 34.62
N LYS C 216 4.63 -1.02 33.61
CA LYS C 216 5.00 -2.33 33.11
C LYS C 216 6.49 -2.42 32.90
N LYS C 217 7.15 -3.19 33.76
CA LYS C 217 8.57 -3.47 33.58
C LYS C 217 8.79 -4.28 32.31
N VAL C 218 9.68 -3.80 31.44
CA VAL C 218 10.01 -4.53 30.22
C VAL C 218 11.36 -5.23 30.30
N GLU C 219 11.35 -6.56 30.24
CA GLU C 219 12.58 -7.33 30.36
C GLU C 219 12.85 -8.18 29.12
N PRO C 220 14.13 -8.53 28.88
CA PRO C 220 14.50 -9.38 27.74
C PRO C 220 13.86 -10.76 27.78
N GLU D 1 -19.63 22.19 -6.71
CA GLU D 1 -18.74 22.98 -5.87
C GLU D 1 -17.41 23.24 -6.56
N ILE D 2 -16.68 24.23 -6.06
CA ILE D 2 -15.34 24.50 -6.59
C ILE D 2 -14.31 23.74 -5.79
N VAL D 3 -13.51 22.92 -6.46
CA VAL D 3 -12.51 22.08 -5.80
C VAL D 3 -11.10 22.67 -6.00
N LEU D 4 -10.38 22.80 -4.89
CA LEU D 4 -9.02 23.33 -4.92
C LEU D 4 -8.01 22.20 -4.84
N THR D 5 -7.07 22.19 -5.77
CA THR D 5 -6.03 21.17 -5.82
C THR D 5 -4.68 21.78 -5.50
N GLN D 6 -4.09 21.36 -4.39
CA GLN D 6 -2.77 21.82 -4.00
C GLN D 6 -1.68 20.87 -4.45
N SER D 7 -0.54 21.43 -4.84
CA SER D 7 0.61 20.65 -5.23
C SER D 7 1.91 21.43 -4.92
N PRO D 8 3.00 20.72 -4.68
CA PRO D 8 3.01 19.26 -4.51
C PRO D 8 2.51 18.92 -3.11
N ALA D 9 2.18 17.66 -2.86
CA ALA D 9 1.67 17.25 -1.55
C ALA D 9 2.71 17.50 -0.44
N THR D 10 3.98 17.26 -0.77
CA THR D 10 5.07 17.53 0.16
C THR D 10 6.21 18.28 -0.53
N LEU D 11 6.76 19.27 0.16
CA LEU D 11 7.97 19.96 -0.28
C LEU D 11 9.04 19.74 0.77
N SER D 12 10.19 19.23 0.37
CA SER D 12 11.29 19.00 1.29
C SER D 12 12.41 20.00 1.05
N LEU D 13 12.58 20.92 1.99
CA LEU D 13 13.50 22.04 1.80
C LEU D 13 14.32 22.31 3.04
N SER D 14 15.39 23.09 2.88
CA SER D 14 16.21 23.45 4.02
C SER D 14 15.91 24.90 4.40
N PRO D 15 16.21 25.26 5.66
CA PRO D 15 16.02 26.65 6.14
C PRO D 15 16.78 27.64 5.27
N GLY D 16 16.14 28.74 4.89
CA GLY D 16 16.79 29.74 4.06
C GLY D 16 16.44 29.61 2.58
N GLU D 17 15.96 28.45 2.17
CA GLU D 17 15.58 28.30 0.76
C GLU D 17 14.16 28.80 0.50
N ARG D 18 13.89 29.13 -0.75
CA ARG D 18 12.56 29.57 -1.17
C ARG D 18 11.57 28.40 -1.24
N ALA D 19 10.38 28.57 -0.67
CA ALA D 19 9.28 27.63 -0.85
C ALA D 19 8.20 28.26 -1.75
N THR D 20 7.78 27.56 -2.79
CA THR D 20 6.63 28.01 -3.57
C THR D 20 5.57 26.92 -3.70
N LEU D 21 4.37 27.28 -3.26
CA LEU D 21 3.27 26.34 -3.10
C LEU D 21 2.20 26.68 -4.13
N SER D 22 1.59 25.67 -4.73
CA SER D 22 0.61 25.93 -5.77
C SER D 22 -0.81 25.52 -5.32
N CYS D 23 -1.78 26.32 -5.72
CA CYS D 23 -3.19 26.03 -5.49
C CYS D 23 -3.91 26.29 -6.82
N ARG D 24 -4.59 25.27 -7.34
CA ARG D 24 -5.30 25.35 -8.61
C ARG D 24 -6.80 25.07 -8.39
N ALA D 25 -7.67 25.90 -8.95
CA ALA D 25 -9.12 25.73 -8.73
C ALA D 25 -9.80 25.09 -9.94
N SER D 26 -10.83 24.28 -9.69
CA SER D 26 -11.54 23.61 -10.78
C SER D 26 -12.39 24.60 -11.60
N LYS D 27 -12.67 25.77 -11.02
CA LYS D 27 -13.35 26.87 -11.73
C LYS D 27 -12.80 28.19 -11.22
N GLY D 28 -13.00 29.26 -11.99
CA GLY D 28 -12.43 30.55 -11.63
C GLY D 28 -12.95 31.04 -10.29
N VAL D 29 -12.08 31.59 -9.46
CA VAL D 29 -12.53 32.11 -8.17
C VAL D 29 -12.33 33.62 -8.12
N SER D 30 -12.27 34.25 -9.29
CA SER D 30 -12.12 35.70 -9.39
C SER D 30 -13.37 36.39 -9.95
N THR D 31 -13.65 37.58 -9.44
CA THR D 31 -14.73 38.41 -9.97
C THR D 31 -14.35 39.87 -9.86
N SER D 32 -14.53 40.63 -10.93
CA SER D 32 -14.29 42.07 -10.95
C SER D 32 -12.86 42.44 -10.51
N GLY D 33 -11.91 41.56 -10.79
CA GLY D 33 -10.53 41.80 -10.40
C GLY D 33 -10.17 41.34 -8.99
N TYR D 34 -11.14 40.80 -8.25
CA TYR D 34 -10.88 40.34 -6.88
C TYR D 34 -10.81 38.83 -6.88
N SER D 35 -9.89 38.25 -6.10
CA SER D 35 -9.75 36.81 -6.03
C SER D 35 -10.10 36.31 -4.65
N TYR D 36 -11.18 35.53 -4.55
CA TYR D 36 -11.64 35.06 -3.26
C TYR D 36 -10.87 33.81 -2.86
N LEU D 37 -9.59 33.98 -2.59
CA LEU D 37 -8.70 32.89 -2.21
C LEU D 37 -7.79 33.29 -1.06
N HIS D 38 -7.72 32.44 -0.03
CA HIS D 38 -6.90 32.70 1.15
C HIS D 38 -6.00 31.53 1.45
N TRP D 39 -4.94 31.81 2.20
CA TRP D 39 -3.96 30.81 2.60
C TRP D 39 -3.79 30.74 4.11
N TYR D 40 -3.60 29.53 4.60
CA TYR D 40 -3.50 29.29 6.02
C TYR D 40 -2.33 28.38 6.33
N GLN D 41 -1.77 28.58 7.52
CA GLN D 41 -0.75 27.69 8.05
C GLN D 41 -1.33 26.85 9.18
N GLN D 42 -0.93 25.58 9.28
CA GLN D 42 -1.32 24.79 10.44
C GLN D 42 -0.19 23.91 10.93
N LYS D 43 0.06 23.97 12.22
CA LYS D 43 1.00 23.10 12.89
C LYS D 43 0.26 22.07 13.72
N PRO D 44 0.89 20.93 14.00
CA PRO D 44 0.25 19.85 14.76
C PRO D 44 -0.32 20.30 16.10
N GLY D 45 -1.55 19.86 16.38
CA GLY D 45 -2.24 20.21 17.59
C GLY D 45 -2.69 21.66 17.68
N GLN D 46 -2.74 22.38 16.56
CA GLN D 46 -3.14 23.78 16.61
C GLN D 46 -4.16 24.13 15.53
N ALA D 47 -4.92 25.18 15.77
CA ALA D 47 -5.79 25.70 14.74
C ALA D 47 -4.97 26.39 13.64
N PRO D 48 -5.51 26.44 12.42
CA PRO D 48 -4.95 27.21 11.30
C PRO D 48 -4.75 28.68 11.65
N ARG D 49 -3.71 29.27 11.05
CA ARG D 49 -3.44 30.69 11.14
C ARG D 49 -3.56 31.30 9.75
N LEU D 50 -4.31 32.40 9.64
CA LEU D 50 -4.43 33.12 8.36
C LEU D 50 -3.12 33.79 7.98
N LEU D 51 -2.64 33.53 6.77
CA LEU D 51 -1.43 34.18 6.25
C LEU D 51 -1.72 35.27 5.20
N ILE D 52 -2.46 34.87 4.18
CA ILE D 52 -2.73 35.67 3.00
C ILE D 52 -4.24 35.73 2.76
N TYR D 53 -4.82 36.92 2.57
CA TYR D 53 -6.23 36.97 2.21
C TYR D 53 -6.44 37.59 0.84
N LEU D 54 -7.50 37.14 0.17
CA LEU D 54 -7.89 37.66 -1.13
C LEU D 54 -6.71 37.60 -2.09
N ALA D 55 -6.03 36.44 -2.05
CA ALA D 55 -4.95 36.01 -2.95
C ALA D 55 -3.63 36.75 -2.76
N SER D 56 -3.66 38.01 -2.33
CA SER D 56 -2.41 38.76 -2.34
C SER D 56 -2.17 39.65 -1.13
N TYR D 57 -3.13 39.80 -0.24
CA TYR D 57 -2.90 40.69 0.89
C TYR D 57 -2.27 39.96 2.06
N LEU D 58 -1.25 40.59 2.65
CA LEU D 58 -0.59 40.03 3.82
C LEU D 58 -1.38 40.34 5.08
N GLU D 59 -1.73 39.32 5.84
CA GLU D 59 -2.46 39.53 7.08
C GLU D 59 -1.56 40.22 8.10
N SER D 60 -2.15 41.14 8.86
CA SER D 60 -1.46 41.87 9.91
C SER D 60 -0.76 40.95 10.87
N GLY D 61 0.52 41.23 11.14
CA GLY D 61 1.29 40.39 12.02
C GLY D 61 2.06 39.27 11.32
N VAL D 62 1.72 38.96 10.08
CA VAL D 62 2.44 37.88 9.35
C VAL D 62 3.73 38.47 8.71
N PRO D 63 4.88 37.79 8.88
CA PRO D 63 6.14 38.38 8.39
C PRO D 63 6.23 38.52 6.86
N ALA D 64 7.08 39.44 6.41
CA ALA D 64 7.01 39.91 5.02
C ALA D 64 7.52 38.87 4.01
N ARG D 65 8.16 37.82 4.51
CA ARG D 65 8.67 36.78 3.61
C ARG D 65 7.52 35.94 3.03
N PHE D 66 6.31 36.06 3.60
CA PHE D 66 5.14 35.41 2.99
C PHE D 66 4.50 36.33 1.96
N SER D 67 4.24 35.80 0.77
CA SER D 67 3.50 36.56 -0.22
C SER D 67 2.68 35.63 -1.10
N GLY D 68 1.56 36.17 -1.59
CA GLY D 68 0.61 35.40 -2.37
C GLY D 68 0.39 36.02 -3.74
N SER D 69 0.17 35.16 -4.74
CA SER D 69 0.03 35.59 -6.11
C SER D 69 -1.04 34.80 -6.87
N GLY D 70 -1.58 35.40 -7.93
CA GLY D 70 -2.43 34.68 -8.88
C GLY D 70 -3.82 35.25 -9.07
N SER D 71 -4.57 34.70 -10.02
CA SER D 71 -6.01 34.97 -10.15
C SER D 71 -6.67 33.88 -11.01
N GLY D 72 -8.00 33.91 -11.09
CA GLY D 72 -8.73 32.94 -11.89
C GLY D 72 -8.64 31.54 -11.28
N THR D 73 -7.88 30.65 -11.90
CA THR D 73 -7.75 29.28 -11.40
C THR D 73 -6.37 28.93 -10.79
N ASP D 74 -5.39 29.82 -10.94
CA ASP D 74 -4.00 29.49 -10.60
C ASP D 74 -3.42 30.43 -9.53
N PHE D 75 -2.93 29.86 -8.43
CA PHE D 75 -2.48 30.67 -7.31
C PHE D 75 -1.23 30.06 -6.72
N THR D 76 -0.37 30.93 -6.15
CA THR D 76 0.83 30.48 -5.47
C THR D 76 1.02 31.19 -4.14
N LEU D 77 1.63 30.49 -3.18
CA LEU D 77 2.13 31.03 -1.93
C LEU D 77 3.65 30.88 -1.93
N THR D 78 4.36 31.97 -1.69
CA THR D 78 5.80 31.96 -1.71
C THR D 78 6.33 32.40 -0.35
N ILE D 79 7.24 31.61 0.18
CA ILE D 79 8.03 32.01 1.33
C ILE D 79 9.44 32.26 0.80
N SER D 80 9.87 33.51 0.83
CA SER D 80 11.07 33.91 0.08
C SER D 80 12.30 33.23 0.65
N SER D 81 12.25 32.92 1.94
CA SER D 81 13.33 32.22 2.61
C SER D 81 12.83 31.57 3.90
N LEU D 82 12.84 30.25 3.95
CA LEU D 82 12.23 29.53 5.07
C LEU D 82 12.97 29.75 6.40
N GLU D 83 12.21 30.04 7.45
CA GLU D 83 12.74 30.00 8.81
C GLU D 83 12.28 28.66 9.43
N PRO D 84 12.96 28.20 10.49
CA PRO D 84 12.59 26.88 11.05
C PRO D 84 11.12 26.83 11.52
N GLU D 85 10.59 27.98 11.88
CA GLU D 85 9.19 28.11 12.28
C GLU D 85 8.20 27.90 11.13
N ASP D 86 8.68 27.89 9.88
CA ASP D 86 7.77 27.82 8.73
C ASP D 86 7.45 26.40 8.27
N PHE D 87 8.11 25.40 8.84
CA PHE D 87 7.85 24.04 8.42
C PHE D 87 6.54 23.61 9.08
N ALA D 88 5.52 23.44 8.22
CA ALA D 88 4.13 23.26 8.65
C ALA D 88 3.32 22.75 7.48
N VAL D 89 2.01 22.63 7.68
CA VAL D 89 1.10 22.32 6.59
C VAL D 89 0.45 23.62 6.14
N TYR D 90 0.30 23.82 4.85
CA TYR D 90 -0.36 25.02 4.34
C TYR D 90 -1.62 24.68 3.56
N TYR D 91 -2.73 25.36 3.85
CA TYR D 91 -3.97 25.18 3.09
C TYR D 91 -4.38 26.44 2.31
N CYS D 92 -4.95 26.27 1.12
CA CYS D 92 -5.71 27.35 0.50
C CYS D 92 -7.22 27.14 0.71
N GLN D 93 -7.99 28.19 0.46
CA GLN D 93 -9.44 28.19 0.71
C GLN D 93 -10.10 29.25 -0.15
N HIS D 94 -11.20 28.91 -0.82
CA HIS D 94 -11.94 29.91 -1.60
C HIS D 94 -13.28 30.28 -0.94
N SER D 95 -13.81 31.45 -1.30
CA SER D 95 -15.18 31.82 -0.96
C SER D 95 -15.86 32.48 -2.16
N ARG D 96 -15.56 31.97 -3.35
CA ARG D 96 -16.17 32.44 -4.58
C ARG D 96 -17.67 32.14 -4.63
N ASP D 97 -18.05 31.00 -4.07
CA ASP D 97 -19.45 30.60 -4.00
C ASP D 97 -19.59 29.57 -2.89
N LEU D 98 -20.79 29.11 -2.63
CA LEU D 98 -20.99 28.08 -1.63
C LEU D 98 -21.00 26.72 -2.32
N PRO D 99 -20.47 25.68 -1.66
CA PRO D 99 -19.83 25.80 -0.34
C PRO D 99 -18.38 26.26 -0.43
N LEU D 100 -17.92 26.94 0.61
CA LEU D 100 -16.50 27.20 0.77
C LEU D 100 -15.78 25.85 0.79
N THR D 101 -14.63 25.77 0.14
CA THR D 101 -13.82 24.56 0.25
C THR D 101 -12.36 24.92 0.46
N PHE D 102 -11.63 23.96 1.03
CA PHE D 102 -10.19 24.02 1.26
C PHE D 102 -9.45 23.06 0.32
N GLY D 103 -8.20 23.37 0.03
CA GLY D 103 -7.34 22.46 -0.71
C GLY D 103 -6.93 21.33 0.22
N GLY D 104 -6.26 20.33 -0.33
CA GLY D 104 -5.88 19.16 0.46
C GLY D 104 -4.65 19.37 1.33
N GLY D 105 -3.92 20.45 1.12
CA GLY D 105 -2.78 20.73 1.99
C GLY D 105 -1.44 20.36 1.38
N THR D 106 -0.45 21.18 1.68
CA THR D 106 0.94 20.92 1.31
C THR D 106 1.78 20.97 2.56
N LYS D 107 2.49 19.88 2.81
CA LYS D 107 3.39 19.81 3.95
C LYS D 107 4.77 20.29 3.56
N VAL D 108 5.30 21.28 4.27
CA VAL D 108 6.70 21.67 4.04
C VAL D 108 7.55 21.01 5.11
N GLU D 109 8.37 20.02 4.70
CA GLU D 109 9.25 19.33 5.66
C GLU D 109 10.71 19.74 5.46
N ILE D 110 11.53 19.43 6.46
CA ILE D 110 12.96 19.72 6.43
C ILE D 110 13.73 18.68 5.62
N LYS D 111 14.50 19.15 4.65
CA LYS D 111 15.37 18.28 3.86
C LYS D 111 16.60 17.88 4.67
N ARG D 112 16.98 16.60 4.63
CA ARG D 112 18.24 16.18 5.21
C ARG D 112 18.77 15.04 4.35
N THR D 113 19.96 14.56 4.66
CA THR D 113 20.51 13.48 3.85
C THR D 113 19.75 12.18 4.09
N VAL D 114 19.81 11.29 3.10
CA VAL D 114 19.19 9.98 3.19
C VAL D 114 19.71 9.23 4.40
N ALA D 115 18.80 8.61 5.15
CA ALA D 115 19.19 7.76 6.27
C ALA D 115 18.34 6.49 6.27
N ALA D 116 19.02 5.34 6.30
CA ALA D 116 18.35 4.04 6.28
C ALA D 116 17.72 3.72 7.63
N PRO D 117 16.56 3.06 7.63
CA PRO D 117 15.98 2.64 8.90
C PRO D 117 16.81 1.57 9.59
N SER D 118 16.86 1.59 10.91
CA SER D 118 17.20 0.38 11.67
C SER D 118 15.92 -0.41 11.89
N VAL D 119 15.92 -1.68 11.51
CA VAL D 119 14.71 -2.50 11.55
C VAL D 119 14.74 -3.49 12.70
N PHE D 120 13.68 -3.51 13.50
CA PHE D 120 13.59 -4.41 14.64
C PHE D 120 12.24 -5.11 14.60
N ILE D 121 12.18 -6.36 15.03
CA ILE D 121 10.89 -7.07 15.07
C ILE D 121 10.63 -7.58 16.48
N PHE D 122 9.37 -7.61 16.90
CA PHE D 122 9.02 -8.03 18.25
C PHE D 122 7.93 -9.12 18.20
N PRO D 123 8.23 -10.32 18.72
CA PRO D 123 7.19 -11.36 18.80
C PRO D 123 6.09 -10.96 19.79
N PRO D 124 4.94 -11.62 19.74
CA PRO D 124 3.92 -11.33 20.77
C PRO D 124 4.38 -11.82 22.13
N SER D 125 4.02 -11.12 23.20
CA SER D 125 4.31 -11.57 24.55
C SER D 125 3.46 -12.77 24.92
N ASP D 126 3.99 -13.64 25.76
CA ASP D 126 3.20 -14.77 26.26
C ASP D 126 1.89 -14.29 26.93
N GLU D 127 1.96 -13.15 27.61
CA GLU D 127 0.78 -12.60 28.25
C GLU D 127 -0.35 -12.29 27.27
N GLN D 128 -0.05 -11.64 26.16
CA GLN D 128 -1.06 -11.41 25.14
C GLN D 128 -1.58 -12.74 24.57
N LEU D 129 -0.69 -13.71 24.44
CA LEU D 129 -1.08 -15.00 23.90
C LEU D 129 -2.09 -15.71 24.79
N LYS D 130 -2.15 -15.30 26.05
CA LYS D 130 -3.12 -15.86 26.99
C LYS D 130 -4.54 -15.37 26.70
N SER D 131 -4.65 -14.38 25.81
CA SER D 131 -5.89 -13.66 25.60
C SER D 131 -6.54 -13.90 24.22
N GLY D 132 -6.00 -14.84 23.44
CA GLY D 132 -6.60 -15.20 22.17
C GLY D 132 -6.20 -14.32 21.00
N THR D 133 -5.16 -13.50 21.19
CA THR D 133 -4.71 -12.59 20.15
C THR D 133 -3.18 -12.50 20.15
N ALA D 134 -2.58 -12.34 18.98
CA ALA D 134 -1.15 -12.20 18.88
C ALA D 134 -0.82 -10.99 18.04
N SER D 135 -0.07 -10.04 18.60
CA SER D 135 0.39 -8.90 17.81
C SER D 135 1.90 -8.99 17.58
N VAL D 136 2.28 -8.91 16.32
CA VAL D 136 3.68 -8.86 15.95
C VAL D 136 3.99 -7.45 15.50
N VAL D 137 5.06 -6.88 16.04
CA VAL D 137 5.38 -5.48 15.77
C VAL D 137 6.71 -5.31 15.04
N CYS D 138 6.69 -4.53 13.96
CA CYS D 138 7.90 -4.17 13.23
C CYS D 138 8.21 -2.68 13.41
N LEU D 139 9.44 -2.36 13.84
CA LEU D 139 9.86 -0.97 14.04
C LEU D 139 10.95 -0.57 13.04
N LEU D 140 10.76 0.58 12.43
CA LEU D 140 11.75 1.21 11.54
C LEU D 140 12.19 2.49 12.23
N ASN D 141 13.43 2.54 12.68
CA ASN D 141 13.87 3.66 13.50
C ASN D 141 14.78 4.66 12.76
N ASN D 142 14.41 5.93 12.86
CA ASN D 142 15.24 7.06 12.42
C ASN D 142 15.66 7.01 10.94
N PHE D 143 14.68 7.12 10.05
CA PHE D 143 14.98 7.09 8.61
C PHE D 143 14.55 8.36 7.90
N TYR D 144 15.10 8.57 6.71
CA TYR D 144 14.71 9.67 5.83
C TYR D 144 15.06 9.33 4.38
N PRO D 145 14.15 9.64 3.43
CA PRO D 145 12.87 10.31 3.59
C PRO D 145 11.79 9.41 4.18
N ARG D 146 10.59 9.95 4.25
CA ARG D 146 9.49 9.29 4.95
C ARG D 146 9.03 7.99 4.27
N GLU D 147 9.13 7.93 2.95
CA GLU D 147 8.65 6.77 2.20
C GLU D 147 9.41 5.48 2.50
N ALA D 148 8.71 4.51 3.06
CA ALA D 148 9.26 3.18 3.29
C ALA D 148 8.17 2.16 3.01
N LYS D 149 8.55 1.02 2.46
CA LYS D 149 7.61 -0.07 2.30
C LYS D 149 7.84 -1.13 3.37
N VAL D 150 6.76 -1.49 4.08
CA VAL D 150 6.79 -2.60 5.00
C VAL D 150 5.77 -3.67 4.57
N GLN D 151 6.28 -4.87 4.28
CA GLN D 151 5.45 -6.01 3.91
C GLN D 151 5.56 -7.10 4.97
N TRP D 152 4.43 -7.66 5.39
CA TRP D 152 4.44 -8.76 6.33
C TRP D 152 4.37 -10.09 5.59
N LYS D 153 5.13 -11.07 6.03
CA LYS D 153 5.10 -12.39 5.40
C LYS D 153 4.99 -13.46 6.47
N VAL D 154 4.05 -14.38 6.28
CA VAL D 154 3.91 -15.49 7.21
C VAL D 154 4.11 -16.80 6.46
N ASP D 155 5.13 -17.56 6.85
CA ASP D 155 5.57 -18.73 6.09
C ASP D 155 5.65 -18.40 4.59
N ASN D 156 6.24 -17.24 4.29
CA ASN D 156 6.49 -16.72 2.94
C ASN D 156 5.28 -16.12 2.23
N ALA D 157 4.10 -16.23 2.82
CA ALA D 157 2.88 -15.70 2.22
C ALA D 157 2.70 -14.23 2.56
N LEU D 158 2.54 -13.40 1.53
CA LEU D 158 2.30 -11.97 1.74
C LEU D 158 0.98 -11.74 2.48
N GLN D 159 1.03 -10.90 3.52
CA GLN D 159 -0.17 -10.60 4.30
C GLN D 159 -0.81 -9.30 3.83
N SER D 160 -2.13 -9.26 3.80
CA SER D 160 -2.81 -8.02 3.47
C SER D 160 -4.10 -7.92 4.24
N GLY D 161 -4.37 -6.73 4.78
CA GLY D 161 -5.62 -6.50 5.47
C GLY D 161 -5.59 -6.83 6.95
N ASN D 162 -4.44 -7.30 7.45
CA ASN D 162 -4.35 -7.58 8.88
C ASN D 162 -3.19 -6.84 9.55
N SER D 163 -2.79 -5.72 8.97
CA SER D 163 -1.75 -4.91 9.58
C SER D 163 -2.08 -3.43 9.53
N GLN D 164 -1.55 -2.68 10.48
CA GLN D 164 -1.66 -1.23 10.45
C GLN D 164 -0.32 -0.56 10.80
N GLU D 165 -0.10 0.61 10.23
CA GLU D 165 1.13 1.39 10.44
C GLU D 165 0.84 2.75 11.06
N SER D 166 1.82 3.29 11.75
CA SER D 166 1.77 4.66 12.26
C SER D 166 3.17 5.26 12.11
N VAL D 167 3.26 6.56 11.85
CA VAL D 167 4.55 7.21 11.62
C VAL D 167 4.69 8.42 12.51
N THR D 168 5.85 8.62 13.13
CA THR D 168 6.03 9.80 13.97
C THR D 168 6.11 11.08 13.14
N GLU D 169 5.97 12.22 13.82
CA GLU D 169 6.30 13.49 13.22
C GLU D 169 7.80 13.58 13.01
N GLN D 170 8.22 14.45 12.09
CA GLN D 170 9.64 14.64 11.84
C GLN D 170 10.35 15.01 13.12
N ASP D 171 11.46 14.35 13.40
CA ASP D 171 12.16 14.56 14.67
C ASP D 171 12.80 15.95 14.73
N SER D 172 12.60 16.63 15.85
CA SER D 172 13.08 18.01 15.97
C SER D 172 14.60 18.10 16.10
N LYS D 173 15.28 17.00 16.41
CA LYS D 173 16.73 17.07 16.51
C LYS D 173 17.46 16.53 15.26
N ASP D 174 17.01 15.42 14.68
CA ASP D 174 17.76 14.89 13.53
C ASP D 174 16.94 14.87 12.25
N SER D 175 15.71 15.36 12.33
CA SER D 175 14.83 15.47 11.16
C SER D 175 14.47 14.14 10.47
N THR D 176 14.58 13.02 11.19
CA THR D 176 14.21 11.71 10.64
C THR D 176 12.78 11.31 11.04
N TYR D 177 12.32 10.21 10.46
CA TYR D 177 11.02 9.64 10.80
C TYR D 177 11.23 8.29 11.46
N SER D 178 10.22 7.81 12.18
CA SER D 178 10.21 6.42 12.62
C SER D 178 8.81 5.85 12.37
N LEU D 179 8.76 4.54 12.17
CA LEU D 179 7.53 3.89 11.74
C LEU D 179 7.29 2.63 12.56
N SER D 180 6.03 2.41 12.92
CA SER D 180 5.63 1.19 13.62
C SER D 180 4.58 0.48 12.80
N SER D 181 4.75 -0.82 12.60
CA SER D 181 3.75 -1.62 11.92
C SER D 181 3.34 -2.80 12.81
N THR D 182 2.04 -3.03 12.92
CA THR D 182 1.52 -4.12 13.74
C THR D 182 0.71 -5.09 12.90
N LEU D 183 1.13 -6.36 12.88
CA LEU D 183 0.37 -7.45 12.29
C LEU D 183 -0.45 -8.13 13.38
N THR D 184 -1.73 -8.29 13.16
CA THR D 184 -2.56 -8.92 14.19
C THR D 184 -3.27 -10.18 13.69
N LEU D 185 -3.12 -11.24 14.46
CA LEU D 185 -3.76 -12.52 14.13
C LEU D 185 -4.42 -13.08 15.38
N SER D 186 -5.43 -13.94 15.24
CA SER D 186 -5.92 -14.66 16.41
C SER D 186 -4.81 -15.60 16.88
N LYS D 187 -4.85 -16.03 18.13
CA LYS D 187 -3.85 -16.99 18.61
C LYS D 187 -3.88 -18.29 17.80
N ALA D 188 -5.08 -18.73 17.45
CA ALA D 188 -5.25 -19.94 16.64
C ALA D 188 -4.49 -19.85 15.30
N ASP D 189 -4.61 -18.73 14.60
CA ASP D 189 -3.89 -18.57 13.33
C ASP D 189 -2.39 -18.46 13.55
N TYR D 190 -2.00 -17.73 14.58
CA TYR D 190 -0.60 -17.57 14.93
C TYR D 190 0.15 -18.90 15.15
N GLU D 191 -0.55 -19.91 15.68
CA GLU D 191 0.11 -21.18 16.01
C GLU D 191 0.08 -22.22 14.90
N LYS D 192 -0.54 -21.91 13.78
CA LYS D 192 -0.49 -22.84 12.65
C LYS D 192 0.59 -22.42 11.65
N HIS D 193 1.37 -21.39 11.99
CA HIS D 193 2.48 -20.98 11.14
C HIS D 193 3.80 -20.87 11.91
N LYS D 194 4.91 -20.99 11.19
CA LYS D 194 6.21 -21.09 11.85
C LYS D 194 6.99 -19.78 11.82
N VAL D 195 7.06 -19.13 10.66
CA VAL D 195 8.00 -18.04 10.47
C VAL D 195 7.30 -16.71 10.18
N TYR D 196 7.62 -15.69 10.98
CA TYR D 196 7.04 -14.35 10.84
C TYR D 196 8.13 -13.40 10.42
N ALA D 197 7.91 -12.66 9.34
CA ALA D 197 8.92 -11.76 8.82
C ALA D 197 8.29 -10.41 8.44
N CYS D 198 9.01 -9.33 8.71
CA CYS D 198 8.67 -8.08 8.03
C CYS D 198 9.81 -7.72 7.07
N GLU D 199 9.43 -7.36 5.85
CA GLU D 199 10.39 -7.03 4.80
C GLU D 199 10.30 -5.54 4.48
N VAL D 200 11.43 -4.86 4.61
CA VAL D 200 11.47 -3.40 4.53
C VAL D 200 12.25 -2.89 3.31
N THR D 201 11.59 -2.06 2.50
CA THR D 201 12.24 -1.39 1.39
C THR D 201 12.32 0.10 1.65
N HIS D 202 13.50 0.67 1.42
CA HIS D 202 13.73 2.09 1.62
C HIS D 202 14.96 2.47 0.81
N GLN D 203 14.94 3.67 0.25
CA GLN D 203 15.97 4.06 -0.72
C GLN D 203 17.37 4.18 -0.12
N GLY D 204 17.48 4.25 1.21
CA GLY D 204 18.77 4.22 1.88
C GLY D 204 19.39 2.84 2.05
N LEU D 205 18.64 1.79 1.72
CA LEU D 205 19.09 0.42 1.86
C LEU D 205 19.51 -0.11 0.49
N SER D 206 20.63 -0.82 0.40
CA SER D 206 21.09 -1.31 -0.90
C SER D 206 20.23 -2.48 -1.38
N SER D 207 19.64 -3.20 -0.43
CA SER D 207 18.64 -4.20 -0.75
C SER D 207 17.59 -4.22 0.36
N PRO D 208 16.39 -4.75 0.08
CA PRO D 208 15.36 -4.83 1.12
C PRO D 208 15.85 -5.67 2.31
N VAL D 209 15.47 -5.26 3.51
CA VAL D 209 15.91 -5.99 4.67
C VAL D 209 14.75 -6.80 5.26
N THR D 210 15.05 -8.04 5.60
CA THR D 210 14.10 -8.96 6.21
C THR D 210 14.52 -9.22 7.65
N LYS D 211 13.61 -8.97 8.59
CA LYS D 211 13.79 -9.37 9.98
C LYS D 211 12.74 -10.43 10.23
N SER D 212 13.14 -11.59 10.77
CA SER D 212 12.17 -12.65 11.01
C SER D 212 12.47 -13.41 12.30
N PHE D 213 11.49 -14.16 12.76
CA PHE D 213 11.69 -15.05 13.89
C PHE D 213 10.86 -16.32 13.69
N ASN D 214 11.24 -17.37 14.42
CA ASN D 214 10.46 -18.59 14.46
C ASN D 214 9.55 -18.55 15.66
N ARG D 215 8.26 -18.78 15.46
CA ARG D 215 7.33 -18.80 16.58
C ARG D 215 7.83 -19.84 17.58
N GLY D 216 7.89 -19.43 18.85
CA GLY D 216 8.22 -20.32 19.95
C GLY D 216 9.70 -20.54 20.13
N GLU D 217 10.54 -19.69 19.54
CA GLU D 217 11.98 -19.92 19.56
C GLU D 217 12.72 -18.88 20.38
N ASN E 8 -12.12 61.37 0.91
CA ASN E 8 -12.70 60.62 -0.19
C ASN E 8 -13.90 59.73 0.16
N PRO E 9 -14.88 60.24 0.94
CA PRO E 9 -16.00 59.32 1.18
C PRO E 9 -16.95 59.23 -0.02
N PRO E 10 -17.69 58.13 -0.12
CA PRO E 10 -18.68 58.00 -1.19
C PRO E 10 -19.90 58.89 -0.92
N THR E 11 -20.61 59.29 -1.98
CA THR E 11 -21.88 59.99 -1.81
C THR E 11 -23.03 59.01 -2.00
N PHE E 12 -24.18 59.31 -1.42
CA PHE E 12 -25.30 58.38 -1.37
C PHE E 12 -26.60 59.14 -1.56
N SER E 13 -27.33 58.84 -2.63
CA SER E 13 -28.50 59.66 -3.00
C SER E 13 -29.69 58.82 -3.47
N PRO E 14 -30.92 59.37 -3.38
CA PRO E 14 -31.24 60.70 -2.83
C PRO E 14 -31.34 60.70 -1.30
N ALA E 15 -31.37 61.89 -0.70
CA ALA E 15 -31.43 62.02 0.75
C ALA E 15 -32.75 61.48 1.30
N LEU E 16 -33.81 61.58 0.51
CA LEU E 16 -35.09 60.99 0.87
C LEU E 16 -35.64 60.20 -0.31
N LEU E 17 -35.95 58.94 -0.05
CA LEU E 17 -36.55 58.08 -1.06
C LEU E 17 -37.91 57.58 -0.55
N VAL E 18 -38.97 57.97 -1.26
CA VAL E 18 -40.32 57.60 -0.87
C VAL E 18 -40.92 56.66 -1.92
N VAL E 19 -41.30 55.47 -1.49
CA VAL E 19 -41.74 54.42 -2.40
C VAL E 19 -43.05 53.83 -1.89
N THR E 20 -43.90 53.38 -2.81
CA THR E 20 -45.12 52.68 -2.41
C THR E 20 -44.80 51.19 -2.24
N GLU E 21 -45.42 50.57 -1.24
CA GLU E 21 -45.18 49.17 -0.92
C GLU E 21 -45.44 48.24 -2.10
N GLY E 22 -44.41 47.51 -2.53
CA GLY E 22 -44.58 46.57 -3.61
C GLY E 22 -43.50 46.55 -4.68
N ASP E 23 -43.11 47.73 -5.17
CA ASP E 23 -42.08 47.77 -6.20
C ASP E 23 -40.73 48.14 -5.60
N ASN E 24 -39.75 48.37 -6.48
CA ASN E 24 -38.36 48.57 -6.09
C ASN E 24 -38.02 49.98 -5.62
N ALA E 25 -37.07 50.06 -4.69
CA ALA E 25 -36.54 51.34 -4.24
C ALA E 25 -35.05 51.34 -4.49
N THR E 26 -34.59 52.27 -5.32
CA THR E 26 -33.19 52.29 -5.70
C THR E 26 -32.47 53.55 -5.24
N PHE E 27 -31.42 53.37 -4.45
CA PHE E 27 -30.49 54.43 -4.10
C PHE E 27 -29.31 54.44 -5.07
N THR E 28 -28.58 55.54 -5.13
CA THR E 28 -27.33 55.55 -5.91
C THR E 28 -26.14 55.91 -5.02
N CYS E 29 -25.13 55.05 -5.04
CA CYS E 29 -23.88 55.31 -4.35
C CYS E 29 -22.86 55.73 -5.39
N SER E 30 -22.13 56.81 -5.12
CA SER E 30 -21.10 57.25 -6.07
C SER E 30 -19.73 57.25 -5.41
N PHE E 31 -18.80 56.53 -6.02
CA PHE E 31 -17.43 56.45 -5.50
C PHE E 31 -16.47 56.46 -6.68
N SER E 32 -15.77 57.57 -6.86
CA SER E 32 -14.84 57.72 -7.97
C SER E 32 -13.52 57.02 -7.65
N ASN E 33 -13.19 55.94 -8.36
CA ASN E 33 -12.08 55.07 -7.94
C ASN E 33 -11.22 54.56 -9.09
N THR E 34 -9.91 54.54 -8.81
CA THR E 34 -8.87 53.95 -9.64
C THR E 34 -9.17 52.47 -9.80
N SER E 35 -8.50 51.67 -8.97
CA SER E 35 -8.85 50.30 -8.57
C SER E 35 -7.83 49.97 -7.49
N GLU E 36 -7.27 50.99 -6.86
CA GLU E 36 -6.62 50.77 -5.55
C GLU E 36 -7.74 50.12 -4.81
N SER E 37 -7.49 48.95 -4.26
CA SER E 37 -8.57 48.05 -4.06
C SER E 37 -9.50 48.39 -2.90
N PHE E 38 -10.70 48.81 -3.27
CA PHE E 38 -11.76 49.10 -2.32
C PHE E 38 -12.89 48.15 -2.60
N VAL E 39 -13.72 47.95 -1.59
CA VAL E 39 -14.98 47.27 -1.75
C VAL E 39 -16.04 48.22 -1.21
N LEU E 40 -17.29 48.04 -1.63
CA LEU E 40 -18.37 48.89 -1.11
C LEU E 40 -19.29 48.04 -0.27
N ASN E 41 -19.85 48.66 0.77
CA ASN E 41 -20.92 48.06 1.55
C ASN E 41 -22.15 48.94 1.46
N TRP E 42 -23.33 48.34 1.50
CA TRP E 42 -24.58 49.05 1.66
C TRP E 42 -25.13 48.72 3.05
N TYR E 43 -25.40 49.74 3.87
CA TYR E 43 -25.82 49.52 5.26
C TYR E 43 -27.21 50.05 5.55
N ARG E 44 -27.85 49.43 6.55
CA ARG E 44 -29.06 49.99 7.15
C ARG E 44 -28.80 50.19 8.64
N MET E 45 -29.26 51.31 9.20
CA MET E 45 -29.04 51.57 10.62
C MET E 45 -30.03 50.84 11.52
N SER E 46 -29.52 50.12 12.50
CA SER E 46 -30.40 49.52 13.50
C SER E 46 -30.88 50.62 14.44
N PRO E 47 -31.95 50.37 15.20
CA PRO E 47 -32.34 51.36 16.21
C PRO E 47 -31.27 51.55 17.28
N SER E 48 -30.39 50.57 17.43
CA SER E 48 -29.29 50.66 18.40
C SER E 48 -28.02 51.21 17.76
N ASN E 49 -28.18 51.87 16.61
CA ASN E 49 -27.16 52.73 16.00
C ASN E 49 -26.01 51.99 15.28
N GLN E 50 -26.08 50.67 15.15
CA GLN E 50 -25.02 50.01 14.40
C GLN E 50 -25.42 49.84 12.95
N THR E 51 -24.41 49.70 12.09
CA THR E 51 -24.65 49.51 10.67
C THR E 51 -24.79 48.02 10.37
N ASP E 52 -25.97 47.62 9.91
CA ASP E 52 -26.19 46.26 9.42
C ASP E 52 -25.80 46.19 7.94
N LYS E 53 -25.00 45.20 7.57
CA LYS E 53 -24.61 45.06 6.17
C LYS E 53 -25.69 44.34 5.35
N LEU E 54 -26.20 45.04 4.34
CA LEU E 54 -27.22 44.54 3.44
C LEU E 54 -26.66 43.82 2.22
N ALA E 55 -25.60 44.41 1.65
CA ALA E 55 -24.96 43.84 0.47
C ALA E 55 -23.59 44.47 0.27
N ALA E 56 -22.82 43.91 -0.64
CA ALA E 56 -21.50 44.44 -0.95
C ALA E 56 -21.31 44.54 -2.46
N PHE E 57 -20.38 45.38 -2.88
CA PHE E 57 -19.79 45.21 -4.21
C PHE E 57 -18.30 45.04 -4.02
N PRO E 58 -17.72 44.02 -4.67
CA PRO E 58 -18.48 42.97 -5.36
C PRO E 58 -19.29 42.11 -4.38
N GLU E 59 -20.13 41.21 -4.91
CA GLU E 59 -21.08 40.48 -4.06
C GLU E 59 -20.36 39.67 -2.98
N ASP E 60 -20.89 39.74 -1.77
CA ASP E 60 -20.39 38.97 -0.63
C ASP E 60 -21.22 37.70 -0.53
N ARG E 61 -20.84 36.68 -1.28
CA ARG E 61 -21.66 35.48 -1.39
C ARG E 61 -21.61 34.58 -0.16
N SER E 62 -20.57 34.70 0.66
CA SER E 62 -20.50 33.87 1.87
C SER E 62 -21.11 34.52 3.13
N GLN E 63 -21.81 35.65 2.96
CA GLN E 63 -22.56 36.27 4.04
C GLN E 63 -23.75 35.38 4.44
N PRO E 64 -23.79 34.95 5.71
CA PRO E 64 -24.91 34.11 6.17
C PRO E 64 -26.20 34.92 6.28
N GLY E 65 -27.33 34.33 5.91
CA GLY E 65 -28.62 34.99 6.07
C GLY E 65 -28.80 36.11 5.07
N GLN E 66 -28.02 36.04 3.99
CA GLN E 66 -28.07 37.02 2.92
C GLN E 66 -29.47 37.09 2.31
N ASP E 67 -30.00 38.31 2.21
CA ASP E 67 -31.33 38.51 1.67
C ASP E 67 -31.27 39.01 0.24
N SER E 68 -31.85 38.25 -0.68
CA SER E 68 -31.71 38.55 -2.10
C SER E 68 -32.56 39.73 -2.57
N ARG E 69 -33.38 40.32 -1.70
CA ARG E 69 -34.17 41.49 -2.08
C ARG E 69 -33.28 42.71 -2.23
N PHE E 70 -32.12 42.67 -1.60
CA PHE E 70 -31.17 43.77 -1.64
C PHE E 70 -30.14 43.53 -2.73
N ARG E 71 -30.08 44.47 -3.67
CA ARG E 71 -29.25 44.33 -4.87
C ARG E 71 -28.30 45.50 -5.06
N VAL E 72 -27.03 45.20 -5.32
CA VAL E 72 -26.05 46.22 -5.68
C VAL E 72 -25.55 45.98 -7.09
N THR E 73 -25.79 46.92 -7.99
CA THR E 73 -25.36 46.76 -9.37
C THR E 73 -24.49 47.93 -9.81
N GLN E 74 -23.39 47.62 -10.48
CA GLN E 74 -22.44 48.63 -10.94
C GLN E 74 -22.87 49.20 -12.29
N LEU E 75 -22.88 50.52 -12.42
CA LEU E 75 -23.29 51.19 -13.66
C LEU E 75 -22.11 51.27 -14.63
N PRO E 76 -22.39 51.43 -15.95
CA PRO E 76 -21.33 51.38 -16.96
C PRO E 76 -20.17 52.34 -16.74
N ASN E 77 -20.44 53.53 -16.22
CA ASN E 77 -19.37 54.51 -16.00
C ASN E 77 -18.44 54.14 -14.84
N GLY E 78 -18.82 53.15 -14.05
CA GLY E 78 -17.97 52.67 -12.97
C GLY E 78 -17.99 53.47 -11.67
N ARG E 79 -18.42 54.73 -11.74
CA ARG E 79 -18.43 55.59 -10.56
C ARG E 79 -19.66 55.37 -9.68
N ASP E 80 -20.78 55.04 -10.31
CA ASP E 80 -22.03 54.95 -9.58
C ASP E 80 -22.51 53.51 -9.46
N PHE E 81 -23.26 53.25 -8.41
CA PHE E 81 -23.77 51.92 -8.13
C PHE E 81 -25.25 52.05 -7.75
N HIS E 82 -26.09 51.16 -8.27
CA HIS E 82 -27.48 51.11 -7.85
C HIS E 82 -27.59 50.17 -6.66
N MET E 83 -28.16 50.66 -5.58
CA MET E 83 -28.45 49.82 -4.44
C MET E 83 -29.96 49.80 -4.28
N SER E 84 -30.57 48.71 -4.73
CA SER E 84 -32.02 48.61 -4.81
C SER E 84 -32.67 47.61 -3.82
N VAL E 85 -33.76 48.04 -3.20
CA VAL E 85 -34.64 47.17 -2.43
C VAL E 85 -35.79 46.68 -3.32
N VAL E 86 -35.71 45.43 -3.75
CA VAL E 86 -36.75 44.85 -4.60
C VAL E 86 -37.99 44.50 -3.76
N ARG E 87 -39.16 44.85 -4.28
CA ARG E 87 -40.42 44.65 -3.55
C ARG E 87 -40.35 45.27 -2.16
N ALA E 88 -40.33 46.60 -2.11
CA ALA E 88 -40.10 47.28 -0.85
C ALA E 88 -41.24 47.00 0.12
N ARG E 89 -40.89 46.69 1.36
CA ARG E 89 -41.90 46.40 2.36
C ARG E 89 -41.98 47.51 3.40
N ARG E 90 -43.14 47.60 4.04
CA ARG E 90 -43.43 48.62 5.03
C ARG E 90 -42.33 48.72 6.11
N ASN E 91 -41.84 47.57 6.56
CA ASN E 91 -40.82 47.57 7.59
C ASN E 91 -39.42 47.89 7.06
N ASP E 92 -39.29 48.07 5.76
CA ASP E 92 -38.01 48.47 5.17
C ASP E 92 -37.73 49.94 5.42
N SER E 93 -38.75 50.67 5.86
CA SER E 93 -38.60 52.09 6.14
C SER E 93 -37.52 52.32 7.20
N GLY E 94 -36.62 53.25 6.94
CA GLY E 94 -35.56 53.54 7.88
C GLY E 94 -34.39 54.27 7.26
N THR E 95 -33.22 54.11 7.88
CA THR E 95 -32.03 54.87 7.51
C THR E 95 -30.98 53.99 6.84
N TYR E 96 -30.51 54.44 5.68
CA TYR E 96 -29.55 53.69 4.88
C TYR E 96 -28.34 54.55 4.52
N LEU E 97 -27.24 53.89 4.17
CA LEU E 97 -26.02 54.58 3.78
C LEU E 97 -25.10 53.58 3.09
N CYS E 98 -24.04 54.08 2.48
CA CYS E 98 -23.04 53.19 1.91
C CYS E 98 -21.68 53.57 2.45
N GLY E 99 -20.74 52.64 2.38
CA GLY E 99 -19.36 52.94 2.77
C GLY E 99 -18.35 52.33 1.83
N ALA E 100 -17.18 52.95 1.71
CA ALA E 100 -16.08 52.36 0.96
C ALA E 100 -15.05 51.83 1.94
N ILE E 101 -14.59 50.60 1.71
CA ILE E 101 -13.62 49.96 2.60
C ILE E 101 -12.34 49.58 1.87
N SER E 102 -11.20 49.99 2.41
CA SER E 102 -9.92 49.68 1.79
C SER E 102 -9.40 48.33 2.32
N LEU E 103 -8.99 47.46 1.40
CA LEU E 103 -8.60 46.10 1.76
C LEU E 103 -7.17 46.02 2.28
N ALA E 104 -6.34 46.96 1.84
CA ALA E 104 -4.90 46.90 2.08
C ALA E 104 -4.51 47.27 3.53
N PRO E 105 -4.87 48.49 4.01
CA PRO E 105 -4.56 48.66 5.43
C PRO E 105 -5.61 47.91 6.25
N LYS E 106 -6.58 47.37 5.51
CA LYS E 106 -7.56 46.39 5.97
C LYS E 106 -8.67 47.05 6.77
N ALA E 107 -8.31 47.98 7.63
CA ALA E 107 -9.29 48.63 8.50
C ALA E 107 -10.15 49.65 7.77
N GLN E 108 -9.51 50.62 7.13
CA GLN E 108 -10.14 51.89 6.76
C GLN E 108 -11.47 51.80 6.01
N ILE E 109 -12.52 52.25 6.68
CA ILE E 109 -13.82 52.49 6.05
C ILE E 109 -14.16 53.98 6.05
N LYS E 110 -14.73 54.45 4.94
CA LYS E 110 -15.32 55.78 4.90
C LYS E 110 -16.79 55.70 4.53
N GLU E 111 -17.63 56.28 5.40
CA GLU E 111 -19.08 56.23 5.26
C GLU E 111 -19.62 57.46 4.54
N SER E 112 -20.69 57.26 3.79
CA SER E 112 -21.40 58.37 3.16
C SER E 112 -22.33 59.05 4.18
N LEU E 113 -22.99 60.12 3.74
CA LEU E 113 -24.09 60.69 4.50
C LEU E 113 -25.27 59.73 4.49
N ARG E 114 -26.06 59.73 5.55
CA ARG E 114 -27.19 58.81 5.64
C ARG E 114 -28.40 59.30 4.83
N ALA E 115 -29.23 58.36 4.39
CA ALA E 115 -30.42 58.67 3.61
C ALA E 115 -31.63 57.96 4.19
N GLU E 116 -32.83 58.51 3.96
CA GLU E 116 -34.04 57.89 4.49
C GLU E 116 -34.87 57.20 3.40
N LEU E 117 -35.34 56.00 3.69
CA LEU E 117 -36.29 55.32 2.81
C LEU E 117 -37.67 55.22 3.48
N ARG E 118 -38.68 55.74 2.81
CA ARG E 118 -40.05 55.62 3.32
C ARG E 118 -40.92 54.75 2.41
N VAL E 119 -41.25 53.55 2.88
CA VAL E 119 -42.19 52.72 2.15
C VAL E 119 -43.61 53.05 2.62
N THR E 120 -44.35 53.74 1.77
CA THR E 120 -45.74 54.10 2.09
C THR E 120 -46.71 52.99 1.68
N GLU E 121 -47.96 53.12 2.10
CA GLU E 121 -48.94 52.08 1.88
C GLU E 121 -50.09 52.56 1.01
N PRO F 6 40.02 -44.19 -4.10
CA PRO F 6 38.64 -44.43 -4.53
C PRO F 6 38.54 -45.42 -5.70
N TRP F 7 37.60 -46.37 -5.75
CA TRP F 7 36.80 -46.94 -4.64
C TRP F 7 36.21 -48.25 -5.15
N ASN F 8 35.93 -49.18 -4.25
CA ASN F 8 35.43 -50.50 -4.64
C ASN F 8 33.96 -50.71 -4.29
N PRO F 9 33.31 -51.70 -4.95
CA PRO F 9 31.92 -51.99 -4.60
C PRO F 9 31.77 -52.57 -3.20
N PRO F 10 30.64 -52.32 -2.54
CA PRO F 10 30.43 -52.87 -1.19
C PRO F 10 30.28 -54.38 -1.25
N THR F 11 30.46 -55.05 -0.12
CA THR F 11 30.19 -56.49 0.01
C THR F 11 28.84 -56.70 0.70
N PHE F 12 28.22 -57.85 0.44
CA PHE F 12 26.85 -58.10 0.90
C PHE F 12 26.68 -59.56 1.33
N SER F 13 26.43 -59.77 2.62
CA SER F 13 26.40 -61.12 3.16
C SER F 13 25.23 -61.31 4.12
N PRO F 14 24.79 -62.57 4.36
CA PRO F 14 25.28 -63.82 3.77
C PRO F 14 24.76 -64.04 2.35
N ALA F 15 25.44 -64.90 1.59
CA ALA F 15 25.02 -65.23 0.24
C ALA F 15 23.63 -65.85 0.22
N LEU F 16 23.35 -66.64 1.26
CA LEU F 16 22.05 -67.28 1.43
C LEU F 16 21.52 -67.07 2.84
N LEU F 17 20.32 -66.49 2.92
CA LEU F 17 19.67 -66.23 4.20
C LEU F 17 18.31 -66.91 4.26
N VAL F 18 18.09 -67.75 5.27
CA VAL F 18 16.86 -68.52 5.37
C VAL F 18 16.07 -68.21 6.64
N VAL F 19 14.81 -67.86 6.47
CA VAL F 19 13.85 -67.66 7.57
C VAL F 19 12.46 -68.11 7.08
N THR F 20 11.48 -68.17 7.98
CA THR F 20 10.10 -68.45 7.57
C THR F 20 9.05 -67.76 8.47
N GLU F 21 8.46 -66.68 7.96
CA GLU F 21 7.38 -65.92 8.60
C GLU F 21 7.76 -65.25 9.92
N GLY F 22 7.37 -63.98 10.05
CA GLY F 22 7.46 -63.27 11.32
C GLY F 22 8.85 -63.02 11.84
N ASP F 23 9.84 -63.69 11.25
CA ASP F 23 11.22 -63.53 11.66
C ASP F 23 11.72 -62.15 11.28
N ASN F 24 12.99 -61.89 11.59
CA ASN F 24 13.67 -60.75 11.05
C ASN F 24 14.83 -61.23 10.21
N ALA F 25 14.90 -60.77 8.96
CA ALA F 25 15.98 -61.17 8.08
C ALA F 25 16.94 -60.00 7.92
N THR F 26 18.15 -60.18 8.46
CA THR F 26 19.17 -59.14 8.45
C THR F 26 20.36 -59.50 7.57
N PHE F 27 20.57 -58.72 6.52
CA PHE F 27 21.81 -58.80 5.75
C PHE F 27 22.85 -57.82 6.30
N THR F 28 24.09 -57.95 5.85
CA THR F 28 25.10 -56.94 6.17
C THR F 28 25.72 -56.42 4.89
N CYS F 29 25.66 -55.11 4.71
CA CYS F 29 26.40 -54.45 3.65
C CYS F 29 27.65 -53.83 4.25
N SER F 30 28.80 -54.09 3.66
CA SER F 30 30.03 -53.51 4.17
C SER F 30 30.64 -52.57 3.14
N PHE F 31 30.90 -51.33 3.53
CA PHE F 31 31.48 -50.34 2.64
C PHE F 31 32.53 -49.53 3.37
N SER F 32 33.80 -49.81 3.05
CA SER F 32 34.93 -49.16 3.70
C SER F 32 35.15 -47.78 3.11
N ASN F 33 34.69 -46.76 3.81
CA ASN F 33 34.87 -45.41 3.29
C ASN F 33 34.87 -44.33 4.36
N THR F 34 35.33 -43.15 3.95
CA THR F 34 35.39 -42.01 4.85
C THR F 34 34.44 -40.92 4.34
N SER F 35 33.63 -41.29 3.34
CA SER F 35 32.58 -40.49 2.69
C SER F 35 32.73 -38.98 2.93
N GLU F 36 33.43 -38.22 2.06
CA GLU F 36 33.76 -38.47 0.63
C GLU F 36 32.48 -38.81 -0.11
N SER F 37 31.44 -38.05 0.22
CA SER F 37 30.06 -38.48 0.22
C SER F 37 29.62 -39.51 -0.81
N PHE F 38 29.36 -40.67 -0.23
CA PHE F 38 28.60 -41.72 -0.87
C PHE F 38 27.28 -41.85 -0.14
N VAL F 39 26.33 -42.50 -0.77
CA VAL F 39 25.16 -42.99 -0.07
C VAL F 39 25.04 -44.45 -0.41
N LEU F 40 24.25 -45.17 0.37
CA LEU F 40 24.04 -46.60 0.12
C LEU F 40 22.60 -46.83 -0.27
N ASN F 41 22.38 -47.81 -1.16
CA ASN F 41 21.04 -48.30 -1.47
C ASN F 41 20.96 -49.79 -1.15
N TRP F 42 19.79 -50.24 -0.74
CA TRP F 42 19.50 -51.66 -0.61
C TRP F 42 18.42 -52.01 -1.64
N TYR F 43 18.72 -52.97 -2.54
CA TYR F 43 17.79 -53.32 -3.61
C TYR F 43 17.32 -54.76 -3.50
N ARG F 44 16.14 -55.03 -4.07
CA ARG F 44 15.69 -56.39 -4.36
C ARG F 44 15.47 -56.48 -5.88
N MET F 45 15.78 -57.63 -6.47
CA MET F 45 15.57 -57.80 -7.91
C MET F 45 14.09 -57.97 -8.25
N SER F 46 13.61 -57.15 -9.17
CA SER F 46 12.21 -57.16 -9.60
C SER F 46 11.92 -58.38 -10.49
N PRO F 47 10.63 -58.65 -10.77
CA PRO F 47 10.35 -59.75 -11.70
C PRO F 47 10.88 -59.46 -13.10
N SER F 48 11.02 -58.18 -13.45
CA SER F 48 11.59 -57.80 -14.75
C SER F 48 13.10 -57.55 -14.63
N ASN F 49 13.69 -58.04 -13.55
CA ASN F 49 15.13 -57.94 -13.31
C ASN F 49 15.64 -56.50 -13.26
N GLN F 50 14.82 -55.62 -12.69
CA GLN F 50 15.27 -54.28 -12.38
C GLN F 50 15.63 -54.25 -10.91
N THR F 51 16.49 -53.33 -10.51
CA THR F 51 16.85 -53.19 -9.11
C THR F 51 15.85 -52.27 -8.41
N ASP F 52 14.95 -52.83 -7.61
CA ASP F 52 13.97 -52.02 -6.89
C ASP F 52 14.57 -51.49 -5.58
N LYS F 53 14.49 -50.19 -5.34
CA LYS F 53 15.08 -49.63 -4.14
C LYS F 53 14.15 -49.77 -2.92
N LEU F 54 14.66 -50.43 -1.89
CA LEU F 54 13.95 -50.67 -0.64
C LEU F 54 14.19 -49.56 0.38
N ALA F 55 15.44 -49.12 0.49
CA ALA F 55 15.80 -48.11 1.47
C ALA F 55 17.20 -47.54 1.17
N ALA F 56 17.53 -46.40 1.76
CA ALA F 56 18.88 -45.88 1.58
C ALA F 56 19.55 -45.60 2.91
N PHE F 57 20.86 -45.41 2.87
CA PHE F 57 21.56 -44.75 3.97
C PHE F 57 22.30 -43.56 3.41
N PRO F 58 22.08 -42.37 3.99
CA PRO F 58 21.10 -42.13 5.06
C PRO F 58 19.67 -42.25 4.51
N GLU F 59 18.68 -42.16 5.38
CA GLU F 59 17.31 -42.43 5.00
C GLU F 59 16.82 -41.50 3.88
N ASP F 60 16.20 -42.12 2.88
CA ASP F 60 15.56 -41.40 1.78
C ASP F 60 14.13 -41.09 2.18
N ARG F 61 13.94 -40.02 2.93
CA ARG F 61 12.64 -39.71 3.49
C ARG F 61 11.63 -39.24 2.43
N SER F 62 12.10 -38.82 1.26
CA SER F 62 11.17 -38.35 0.23
C SER F 62 10.80 -39.42 -0.80
N GLN F 63 11.28 -40.65 -0.60
CA GLN F 63 10.85 -41.79 -1.41
C GLN F 63 9.34 -42.03 -1.28
N PRO F 64 8.58 -41.88 -2.38
CA PRO F 64 7.14 -42.19 -2.31
C PRO F 64 6.91 -43.69 -2.24
N GLY F 65 5.89 -44.12 -1.50
CA GLY F 65 5.56 -45.53 -1.40
C GLY F 65 6.60 -46.27 -0.58
N GLN F 66 7.16 -45.59 0.40
CA GLN F 66 8.19 -46.17 1.26
C GLN F 66 7.60 -47.22 2.18
N ASP F 67 8.29 -48.36 2.31
CA ASP F 67 7.81 -49.44 3.16
C ASP F 67 8.69 -49.56 4.39
N SER F 68 8.12 -49.32 5.56
CA SER F 68 8.89 -49.22 6.80
C SER F 68 9.39 -50.57 7.31
N ARG F 69 8.94 -51.66 6.68
CA ARG F 69 9.44 -52.98 7.06
C ARG F 69 10.91 -53.16 6.69
N PHE F 70 11.40 -52.35 5.76
CA PHE F 70 12.80 -52.42 5.34
C PHE F 70 13.60 -51.35 6.07
N ARG F 71 14.58 -51.78 6.86
CA ARG F 71 15.37 -50.86 7.67
C ARG F 71 16.87 -51.01 7.42
N VAL F 72 17.57 -49.88 7.41
CA VAL F 72 19.03 -49.84 7.21
C VAL F 72 19.70 -49.16 8.39
N THR F 73 20.52 -49.90 9.13
CA THR F 73 21.15 -49.36 10.33
C THR F 73 22.68 -49.42 10.29
N GLN F 74 23.30 -48.25 10.44
CA GLN F 74 24.76 -48.12 10.46
C GLN F 74 25.38 -48.61 11.77
N LEU F 75 26.31 -49.55 11.69
CA LEU F 75 26.94 -50.11 12.89
C LEU F 75 28.11 -49.24 13.37
N PRO F 76 28.44 -49.32 14.67
CA PRO F 76 29.42 -48.41 15.28
C PRO F 76 30.79 -48.31 14.56
N ASN F 77 31.24 -49.36 13.89
CA ASN F 77 32.53 -49.28 13.19
C ASN F 77 32.42 -48.37 11.98
N GLY F 78 31.19 -48.07 11.58
CA GLY F 78 30.93 -47.11 10.53
C GLY F 78 31.04 -47.71 9.15
N ARG F 79 31.59 -48.91 9.06
CA ARG F 79 31.79 -49.57 7.76
C ARG F 79 30.70 -50.58 7.44
N ASP F 80 30.11 -51.16 8.49
CA ASP F 80 29.09 -52.18 8.33
C ASP F 80 27.69 -51.62 8.53
N PHE F 81 26.76 -52.05 7.69
CA PHE F 81 25.36 -51.60 7.77
C PHE F 81 24.45 -52.82 7.83
N HIS F 82 23.48 -52.80 8.73
CA HIS F 82 22.51 -53.88 8.78
C HIS F 82 21.31 -53.53 7.91
N MET F 83 21.04 -54.39 6.94
CA MET F 83 19.89 -54.24 6.08
C MET F 83 18.90 -55.37 6.39
N SER F 84 17.76 -54.99 6.97
CA SER F 84 16.86 -55.94 7.61
C SER F 84 15.42 -55.85 7.15
N VAL F 85 14.81 -57.01 6.92
CA VAL F 85 13.38 -57.08 6.68
C VAL F 85 12.68 -57.50 7.97
N VAL F 86 11.85 -56.60 8.50
CA VAL F 86 11.12 -56.89 9.72
C VAL F 86 9.81 -57.63 9.40
N ARG F 87 9.60 -58.76 10.08
CA ARG F 87 8.44 -59.62 9.87
C ARG F 87 8.36 -60.06 8.42
N ALA F 88 9.41 -60.75 7.96
CA ALA F 88 9.52 -61.17 6.58
C ALA F 88 8.38 -62.08 6.16
N ARG F 89 7.97 -61.97 4.91
CA ARG F 89 6.80 -62.70 4.42
C ARG F 89 7.16 -63.63 3.27
N ARG F 90 6.15 -64.38 2.83
CA ARG F 90 6.25 -65.35 1.74
C ARG F 90 6.88 -64.76 0.50
N ASN F 91 6.35 -63.62 0.05
CA ASN F 91 6.78 -63.03 -1.21
C ASN F 91 8.06 -62.23 -1.09
N ASP F 92 8.62 -62.14 0.11
CA ASP F 92 9.88 -61.41 0.31
C ASP F 92 11.06 -62.25 -0.14
N SER F 93 10.83 -63.55 -0.36
CA SER F 93 11.88 -64.41 -0.87
C SER F 93 12.34 -63.92 -2.24
N GLY F 94 13.65 -63.93 -2.49
CA GLY F 94 14.17 -63.48 -3.76
C GLY F 94 15.61 -62.98 -3.70
N THR F 95 16.00 -62.22 -4.72
CA THR F 95 17.37 -61.75 -4.84
C THR F 95 17.55 -60.33 -4.31
N TYR F 96 18.59 -60.14 -3.51
CA TYR F 96 18.88 -58.88 -2.87
C TYR F 96 20.35 -58.49 -3.07
N LEU F 97 20.63 -57.20 -2.94
CA LEU F 97 21.98 -56.67 -3.11
C LEU F 97 22.04 -55.24 -2.56
N CYS F 98 23.24 -54.72 -2.35
CA CYS F 98 23.37 -53.33 -1.97
C CYS F 98 24.28 -52.60 -2.96
N GLY F 99 24.16 -51.29 -2.97
CA GLY F 99 24.92 -50.48 -3.91
C GLY F 99 25.50 -49.28 -3.21
N ALA F 100 26.70 -48.87 -3.63
CA ALA F 100 27.25 -47.61 -3.18
C ALA F 100 27.17 -46.60 -4.30
N ILE F 101 26.67 -45.41 -3.99
CA ILE F 101 26.48 -44.37 -4.99
C ILE F 101 27.31 -43.14 -4.67
N SER F 102 28.10 -42.70 -5.64
CA SER F 102 28.90 -41.50 -5.49
C SER F 102 28.06 -40.28 -5.80
N LEU F 103 28.10 -39.27 -4.93
CA LEU F 103 27.31 -38.07 -5.15
C LEU F 103 28.01 -37.03 -6.04
N ALA F 104 29.33 -37.10 -6.10
CA ALA F 104 30.12 -36.08 -6.78
C ALA F 104 30.19 -36.33 -8.29
N PRO F 105 30.57 -37.56 -8.73
CA PRO F 105 30.35 -37.79 -10.16
C PRO F 105 28.86 -37.99 -10.43
N LYS F 106 28.04 -37.89 -9.38
CA LYS F 106 26.59 -37.87 -9.46
C LYS F 106 26.05 -39.20 -9.95
N ALA F 107 26.54 -39.64 -11.11
CA ALA F 107 26.13 -40.89 -11.72
C ALA F 107 26.53 -42.12 -10.91
N GLN F 108 27.79 -42.16 -10.49
CA GLN F 108 28.48 -43.41 -10.18
C GLN F 108 27.89 -44.34 -9.13
N ILE F 109 27.47 -45.52 -9.58
CA ILE F 109 27.10 -46.59 -8.68
C ILE F 109 27.96 -47.84 -8.93
N LYS F 110 28.32 -48.50 -7.84
CA LYS F 110 28.88 -49.84 -7.88
C LYS F 110 28.05 -50.75 -6.98
N GLU F 111 27.65 -51.88 -7.52
CA GLU F 111 26.77 -52.82 -6.83
C GLU F 111 27.56 -53.97 -6.21
N SER F 112 27.02 -54.56 -5.14
CA SER F 112 27.62 -55.75 -4.57
C SER F 112 27.24 -56.98 -5.38
N LEU F 113 27.83 -58.12 -5.03
CA LEU F 113 27.36 -59.41 -5.52
C LEU F 113 25.95 -59.62 -4.96
N ARG F 114 25.15 -60.42 -5.64
CA ARG F 114 23.77 -60.59 -5.23
C ARG F 114 23.64 -61.74 -4.24
N ALA F 115 22.62 -61.67 -3.39
CA ALA F 115 22.35 -62.67 -2.38
C ALA F 115 20.91 -63.20 -2.49
N GLU F 116 20.63 -64.32 -1.83
CA GLU F 116 19.28 -64.85 -1.83
C GLU F 116 18.70 -64.89 -0.41
N LEU F 117 17.45 -64.47 -0.30
CA LEU F 117 16.68 -64.68 0.90
C LEU F 117 15.58 -65.70 0.61
N ARG F 118 15.33 -66.62 1.55
CA ARG F 118 14.28 -67.61 1.34
C ARG F 118 13.25 -67.57 2.47
#